data_5FCH
#
_entry.id   5FCH
#
_cell.length_a   82.032
_cell.length_b   104.080
_cell.length_c   112.412
_cell.angle_alpha   90.00
_cell.angle_beta   90.00
_cell.angle_gamma   90.00
#
_symmetry.space_group_name_H-M   'P 21 21 21'
#
loop_
_entity.id
_entity.type
_entity.pdbx_description
1 polymer 'Proline dipeptidase'
2 polymer GLY-GLY-GLY
3 non-polymer 'ZINC ION'
4 non-polymer 'PHOSPHATE ION'
5 non-polymer GLYCEROL
6 non-polymer DI(HYDROXYETHYL)ETHER
7 water water
#
loop_
_entity_poly.entity_id
_entity_poly.type
_entity_poly.pdbx_seq_one_letter_code
_entity_poly.pdbx_strand_id
1 'polypeptide(L)'
;SSTQIGGMSLDQARTQLAPWTQRAAPIGADEYQQRIERARVLMRAQGVDALLIGAGTSLRYFSGVPWGASERLVALLLTT
EGDPVLICPAFEEGSLDAVLQLPVRKRLWEEHEDPYALVVQAMDEQHAHALALDPGIAFAVHTGLRAHLGTAIRDAGAII
DGCRMCKSPAELALMQQACDMTLLVQRLAAGIAHEGIGTDQLVRFIDEAHRALGADNGSTFCIVQFGHATAFPHGIPGVQ
HLRAGELVLIDTGCTVQGYHSDITRTWIYGTPSDAQQRIWELELAAQAAAFAAVRPGVACEAVDQAARAVLQAAGLGPDY
RLPGLPHRTGHGCGLAIHEAPYLVRGNRQPLQPGMCASNEPMIVVPGAFGVRLEDHFYVTDTGAQWFTPPSVAIDQPFA
;
A,B
2 'polypeptide(L)' GGG C
#
loop_
_chem_comp.id
_chem_comp.type
_chem_comp.name
_chem_comp.formula
GOL non-polymer GLYCEROL 'C3 H8 O3'
PEG non-polymer DI(HYDROXYETHYL)ETHER 'C4 H10 O3'
PO4 non-polymer 'PHOSPHATE ION' 'O4 P -3'
ZN non-polymer 'ZINC ION' 'Zn 2'
#
# COMPACT_ATOMS: atom_id res chain seq x y z
N SER A 2 -2.42 -5.73 38.07
CA SER A 2 -0.93 -5.71 38.03
C SER A 2 -0.53 -6.67 36.89
N THR A 3 -1.30 -7.76 36.71
CA THR A 3 -0.80 -9.00 36.08
C THR A 3 -0.76 -9.11 34.54
N GLN A 4 -1.30 -8.19 33.76
CA GLN A 4 -1.26 -8.38 32.29
C GLN A 4 -0.06 -7.74 31.69
N ILE A 5 0.56 -6.85 32.43
CA ILE A 5 1.66 -6.09 31.87
C ILE A 5 3.03 -6.63 32.37
N GLY A 6 3.89 -7.06 31.46
CA GLY A 6 5.23 -7.52 31.84
C GLY A 6 5.23 -8.89 32.51
N GLY A 7 6.46 -9.40 32.66
CA GLY A 7 6.76 -10.72 33.23
C GLY A 7 6.59 -11.94 32.34
N MET A 8 6.33 -11.82 31.03
CA MET A 8 6.18 -13.00 30.21
C MET A 8 7.40 -13.02 29.30
N SER A 9 8.05 -14.18 29.14
CA SER A 9 9.26 -14.26 28.29
C SER A 9 8.80 -14.43 26.88
N LEU A 10 9.71 -14.22 25.92
CA LEU A 10 9.49 -14.62 24.54
C LEU A 10 8.94 -16.01 24.45
N ASP A 11 9.67 -17.04 24.93
CA ASP A 11 9.14 -18.40 24.58
C ASP A 11 7.92 -18.80 25.38
N GLN A 12 7.63 -18.12 26.47
CA GLN A 12 6.31 -18.35 27.11
C GLN A 12 5.17 -17.84 26.20
N ALA A 13 5.40 -16.67 25.59
CA ALA A 13 4.41 -16.03 24.72
C ALA A 13 4.20 -16.93 23.52
N ARG A 14 5.34 -17.42 22.99
CA ARG A 14 5.38 -18.41 21.85
C ARG A 14 4.55 -19.63 22.05
N THR A 15 4.35 -20.01 23.31
CA THR A 15 3.47 -21.10 23.61
C THR A 15 1.99 -20.81 23.45
N GLN A 16 1.59 -19.55 23.37
CA GLN A 16 0.18 -19.21 23.08
C GLN A 16 -0.16 -18.92 21.63
N LEU A 17 0.75 -19.26 20.71
CA LEU A 17 0.71 -18.82 19.34
C LEU A 17 0.52 -19.97 18.30
N ALA A 18 -0.10 -21.07 18.70
CA ALA A 18 -0.63 -22.05 17.72
C ALA A 18 -1.52 -21.42 16.59
N PRO A 19 -1.54 -22.01 15.35
CA PRO A 19 -2.47 -21.54 14.34
C PRO A 19 -3.92 -21.43 14.87
N TRP A 20 -4.66 -20.40 14.48
CA TRP A 20 -5.99 -20.19 15.03
C TRP A 20 -6.88 -21.29 14.42
N THR A 21 -7.72 -21.90 15.24
CA THR A 21 -8.51 -23.10 14.90
C THR A 21 -10.00 -22.80 14.71
N GLN A 22 -10.51 -21.64 15.16
CA GLN A 22 -11.89 -21.11 14.93
C GLN A 22 -11.90 -20.28 13.65
N ARG A 23 -11.79 -20.95 12.50
CA ARG A 23 -11.69 -20.31 11.19
C ARG A 23 -13.05 -19.99 10.57
N ALA A 24 -13.41 -18.70 10.44
CA ALA A 24 -14.67 -18.34 9.74
C ALA A 24 -14.58 -18.82 8.27
N ALA A 25 -15.75 -19.11 7.69
CA ALA A 25 -15.87 -19.49 6.32
C ALA A 25 -15.53 -18.37 5.39
N PRO A 26 -14.99 -18.73 4.22
CA PRO A 26 -14.90 -17.70 3.19
C PRO A 26 -16.28 -17.26 2.69
N ILE A 27 -16.27 -16.07 2.07
CA ILE A 27 -17.47 -15.57 1.37
C ILE A 27 -17.81 -16.52 0.23
N GLY A 28 -19.07 -16.94 0.10
CA GLY A 28 -19.44 -17.95 -0.94
C GLY A 28 -19.93 -17.32 -2.22
N ALA A 29 -20.01 -18.11 -3.26
CA ALA A 29 -20.45 -17.63 -4.57
C ALA A 29 -21.73 -16.84 -4.56
N ASP A 30 -22.74 -17.31 -3.81
CA ASP A 30 -24.06 -16.68 -3.87
C ASP A 30 -23.94 -15.25 -3.29
N GLU A 31 -23.14 -15.10 -2.27
CA GLU A 31 -22.96 -13.81 -1.60
C GLU A 31 -22.33 -12.76 -2.59
N TYR A 32 -21.37 -13.19 -3.40
CA TYR A 32 -20.85 -12.30 -4.45
C TYR A 32 -21.94 -11.87 -5.43
N GLN A 33 -22.86 -12.79 -5.82
CA GLN A 33 -23.99 -12.40 -6.68
C GLN A 33 -24.95 -11.42 -6.00
N GLN A 34 -25.18 -11.61 -4.72
CA GLN A 34 -26.01 -10.69 -3.97
C GLN A 34 -25.39 -9.26 -3.92
N ARG A 35 -24.09 -9.17 -3.73
CA ARG A 35 -23.38 -7.89 -3.87
C ARG A 35 -23.55 -7.23 -5.22
N ILE A 36 -23.41 -7.97 -6.32
CA ILE A 36 -23.62 -7.46 -7.62
C ILE A 36 -25.07 -6.91 -7.78
N GLU A 37 -26.07 -7.69 -7.29
CA GLU A 37 -27.47 -7.32 -7.36
C GLU A 37 -27.73 -6.03 -6.57
N ARG A 38 -27.17 -5.93 -5.38
CA ARG A 38 -27.37 -4.69 -4.59
C ARG A 38 -26.73 -3.46 -5.29
N ALA A 39 -25.56 -3.68 -5.92
CA ALA A 39 -24.90 -2.62 -6.72
C ALA A 39 -25.76 -2.19 -7.91
N ARG A 40 -26.44 -3.13 -8.53
CA ARG A 40 -27.36 -2.81 -9.65
C ARG A 40 -28.55 -1.99 -9.21
N VAL A 41 -29.11 -2.32 -8.04
CA VAL A 41 -30.14 -1.53 -7.46
C VAL A 41 -29.63 -0.13 -7.23
N LEU A 42 -28.45 0.06 -6.64
CA LEU A 42 -28.03 1.46 -6.39
C LEU A 42 -27.64 2.21 -7.65
N MET A 43 -27.11 1.48 -8.61
CA MET A 43 -26.91 2.11 -9.91
C MET A 43 -28.18 2.67 -10.49
N ARG A 44 -29.25 1.85 -10.51
CA ARG A 44 -30.47 2.32 -11.14
C ARG A 44 -31.00 3.50 -10.27
N ALA A 45 -30.86 3.42 -8.95
CA ALA A 45 -31.36 4.50 -8.10
C ALA A 45 -30.69 5.82 -8.45
N GLN A 46 -29.40 5.72 -8.74
CA GLN A 46 -28.62 6.95 -9.07
C GLN A 46 -28.73 7.38 -10.58
N GLY A 47 -29.43 6.60 -11.39
CA GLY A 47 -29.49 6.79 -12.79
C GLY A 47 -28.21 6.52 -13.56
N VAL A 48 -27.47 5.51 -13.16
CA VAL A 48 -26.23 5.16 -13.86
C VAL A 48 -26.42 3.81 -14.45
N ASP A 49 -25.75 3.51 -15.57
CA ASP A 49 -25.99 2.17 -16.25
C ASP A 49 -24.70 1.38 -16.43
N ALA A 50 -23.60 1.95 -15.93
CA ALA A 50 -22.37 1.18 -15.86
C ALA A 50 -21.55 1.63 -14.63
N LEU A 51 -20.83 0.68 -14.04
CA LEU A 51 -19.99 0.85 -12.88
C LEU A 51 -18.61 0.26 -13.17
N LEU A 52 -17.56 1.07 -13.00
CA LEU A 52 -16.18 0.56 -13.08
C LEU A 52 -15.47 0.52 -11.70
N ILE A 53 -15.09 -0.69 -11.33
CA ILE A 53 -14.43 -0.98 -10.05
C ILE A 53 -13.00 -1.37 -10.28
N GLY A 54 -12.06 -0.67 -9.65
CA GLY A 54 -10.67 -0.93 -9.92
C GLY A 54 -10.16 -1.95 -8.93
N ALA A 55 -9.02 -2.59 -9.26
CA ALA A 55 -8.29 -3.47 -8.29
C ALA A 55 -8.09 -2.80 -6.97
N GLY A 56 -8.22 -3.57 -5.89
CA GLY A 56 -8.30 -3.01 -4.55
C GLY A 56 -9.44 -3.62 -3.77
N THR A 57 -9.75 -2.98 -2.65
CA THR A 57 -10.78 -3.50 -1.78
C THR A 57 -12.15 -3.66 -2.46
N SER A 58 -12.54 -2.77 -3.38
CA SER A 58 -13.86 -2.90 -3.99
C SER A 58 -13.81 -4.02 -5.03
N LEU A 59 -12.69 -4.21 -5.72
CA LEU A 59 -12.68 -5.39 -6.73
C LEU A 59 -12.75 -6.68 -5.97
N ARG A 60 -12.10 -6.71 -4.81
CA ARG A 60 -12.18 -7.89 -4.04
C ARG A 60 -13.63 -8.12 -3.56
N TYR A 61 -14.29 -7.04 -3.10
CA TYR A 61 -15.60 -7.17 -2.60
C TYR A 61 -16.53 -7.79 -3.64
N PHE A 62 -16.45 -7.29 -4.87
CA PHE A 62 -17.37 -7.67 -5.91
C PHE A 62 -17.00 -8.99 -6.64
N SER A 63 -15.70 -9.30 -6.74
CA SER A 63 -15.28 -10.39 -7.61
C SER A 63 -14.41 -11.45 -6.92
N GLY A 64 -13.95 -11.20 -5.69
CA GLY A 64 -12.90 -12.09 -5.06
C GLY A 64 -11.45 -11.75 -5.40
N VAL A 65 -11.20 -11.02 -6.47
CA VAL A 65 -9.81 -10.76 -6.89
C VAL A 65 -9.07 -9.94 -5.82
N PRO A 66 -7.98 -10.47 -5.22
CA PRO A 66 -7.48 -9.72 -4.06
C PRO A 66 -6.25 -8.86 -4.39
N TRP A 67 -5.88 -8.73 -5.63
CA TRP A 67 -4.63 -8.02 -6.02
C TRP A 67 -4.71 -6.49 -5.64
N GLY A 68 -3.56 -5.93 -5.28
CA GLY A 68 -3.47 -4.52 -5.00
C GLY A 68 -3.51 -3.80 -6.37
N ALA A 69 -3.95 -2.53 -6.36
CA ALA A 69 -3.84 -1.73 -7.59
C ALA A 69 -2.43 -1.61 -8.12
N SER A 70 -2.25 -1.61 -9.45
CA SER A 70 -0.92 -1.27 -10.04
C SER A 70 -1.13 -0.18 -11.08
N GLU A 71 -0.10 0.03 -11.87
CA GLU A 71 -0.17 0.83 -13.03
C GLU A 71 -0.95 0.21 -14.22
N ARG A 72 -1.18 -1.11 -14.18
CA ARG A 72 -2.01 -1.74 -15.20
C ARG A 72 -3.46 -1.93 -14.75
N LEU A 73 -4.40 -1.50 -15.62
CA LEU A 73 -5.80 -1.50 -15.33
C LEU A 73 -6.21 -2.95 -15.23
N VAL A 74 -6.62 -3.27 -14.03
CA VAL A 74 -7.39 -4.45 -13.71
C VAL A 74 -8.70 -3.93 -13.10
N ALA A 75 -9.86 -4.31 -13.70
CA ALA A 75 -11.13 -3.67 -13.36
C ALA A 75 -12.34 -4.57 -13.71
N LEU A 76 -13.40 -4.34 -12.97
CA LEU A 76 -14.68 -4.95 -13.28
C LEU A 76 -15.61 -3.90 -13.79
N LEU A 77 -16.21 -4.16 -14.93
CA LEU A 77 -17.21 -3.27 -15.48
C LEU A 77 -18.58 -3.97 -15.37
N LEU A 78 -19.43 -3.44 -14.53
CA LEU A 78 -20.71 -3.99 -14.26
C LEU A 78 -21.74 -3.15 -14.99
N THR A 79 -22.62 -3.82 -15.73
CA THR A 79 -23.77 -3.11 -16.32
C THR A 79 -25.08 -3.72 -15.76
N THR A 80 -26.22 -3.31 -16.28
CA THR A 80 -27.50 -3.67 -15.67
C THR A 80 -27.81 -5.12 -15.97
N GLU A 81 -27.21 -5.74 -17.01
CA GLU A 81 -27.42 -7.19 -17.25
C GLU A 81 -26.17 -7.99 -17.73
N GLY A 82 -26.23 -9.34 -17.48
CA GLY A 82 -25.21 -10.26 -17.94
C GLY A 82 -23.99 -10.28 -17.02
N ASP A 83 -23.12 -11.25 -17.29
CA ASP A 83 -21.94 -11.41 -16.47
C ASP A 83 -21.14 -10.09 -16.56
N PRO A 84 -20.69 -9.60 -15.43
CA PRO A 84 -19.83 -8.38 -15.57
C PRO A 84 -18.56 -8.65 -16.39
N VAL A 85 -17.99 -7.59 -16.98
CA VAL A 85 -16.78 -7.71 -17.75
C VAL A 85 -15.60 -7.52 -16.85
N LEU A 86 -14.59 -8.36 -17.04
CA LEU A 86 -13.36 -8.26 -16.28
C LEU A 86 -12.21 -7.84 -17.17
N ILE A 87 -11.75 -6.60 -17.03
CA ILE A 87 -10.63 -6.04 -17.89
C ILE A 87 -9.30 -6.35 -17.18
N CYS A 88 -8.37 -6.98 -17.89
CA CYS A 88 -7.20 -7.54 -17.23
C CYS A 88 -6.15 -7.76 -18.31
N PRO A 89 -4.86 -7.61 -17.93
CA PRO A 89 -3.73 -7.88 -18.83
C PRO A 89 -3.78 -9.34 -19.27
N ALA A 90 -3.55 -9.57 -20.54
CA ALA A 90 -3.62 -10.93 -21.10
C ALA A 90 -2.70 -11.87 -20.34
N PHE A 91 -1.45 -11.44 -20.02
CA PHE A 91 -0.47 -12.35 -19.37
C PHE A 91 -0.90 -12.82 -18.00
N GLU A 92 -1.84 -12.14 -17.40
CA GLU A 92 -2.35 -12.48 -16.08
C GLU A 92 -3.64 -13.38 -16.10
N GLU A 93 -4.08 -13.81 -17.24
CA GLU A 93 -5.37 -14.55 -17.33
C GLU A 93 -5.45 -15.76 -16.40
N GLY A 94 -4.38 -16.58 -16.49
CA GLY A 94 -4.14 -17.73 -15.62
C GLY A 94 -4.37 -17.38 -14.18
N SER A 95 -3.66 -16.37 -13.70
CA SER A 95 -3.79 -15.97 -12.30
C SER A 95 -5.16 -15.50 -11.92
N LEU A 96 -5.74 -14.73 -12.82
CA LEU A 96 -7.10 -14.21 -12.62
C LEU A 96 -8.07 -15.37 -12.44
N ASP A 97 -7.98 -16.38 -13.31
CA ASP A 97 -8.96 -17.44 -13.22
C ASP A 97 -8.83 -18.15 -11.91
N ALA A 98 -7.66 -18.18 -11.32
CA ALA A 98 -7.46 -18.84 -10.05
C ALA A 98 -8.01 -18.10 -8.86
N VAL A 99 -8.28 -16.77 -8.93
CA VAL A 99 -8.85 -16.09 -7.75
C VAL A 99 -10.31 -15.63 -7.89
N LEU A 100 -10.81 -15.61 -9.10
CA LEU A 100 -12.14 -15.10 -9.41
C LEU A 100 -13.20 -15.92 -8.68
N GLN A 101 -14.19 -15.27 -8.05
CA GLN A 101 -15.28 -15.95 -7.34
C GLN A 101 -16.63 -15.74 -7.98
N LEU A 102 -16.67 -15.02 -9.10
CA LEU A 102 -17.85 -14.54 -9.76
C LEU A 102 -17.58 -14.88 -11.24
N PRO A 103 -18.56 -15.45 -11.98
CA PRO A 103 -18.46 -15.57 -13.43
C PRO A 103 -18.40 -14.21 -14.09
N VAL A 104 -17.46 -14.07 -15.01
CA VAL A 104 -17.25 -12.79 -15.73
C VAL A 104 -17.00 -13.05 -17.17
N ARG A 105 -17.21 -12.06 -18.02
CA ARG A 105 -16.71 -12.04 -19.38
C ARG A 105 -15.34 -11.35 -19.39
N LYS A 106 -14.27 -12.13 -19.60
CA LYS A 106 -12.90 -11.54 -19.57
C LYS A 106 -12.61 -10.75 -20.80
N ARG A 107 -11.98 -9.57 -20.70
CA ARG A 107 -11.60 -8.80 -21.86
C ARG A 107 -10.12 -8.45 -21.63
N LEU A 108 -9.24 -9.12 -22.36
CA LEU A 108 -7.88 -9.14 -22.03
C LEU A 108 -7.13 -8.18 -22.97
N TRP A 109 -6.08 -7.51 -22.46
CA TRP A 109 -5.31 -6.57 -23.27
C TRP A 109 -3.86 -6.89 -23.19
N GLU A 110 -3.19 -6.93 -24.35
CA GLU A 110 -1.77 -7.14 -24.38
C GLU A 110 -1.06 -5.83 -23.93
N GLU A 111 0.22 -5.89 -23.59
CA GLU A 111 0.91 -4.71 -22.94
C GLU A 111 0.82 -3.33 -23.62
N HIS A 112 0.83 -3.31 -24.95
CA HIS A 112 0.80 -2.08 -25.74
C HIS A 112 -0.60 -1.70 -26.11
N GLU A 113 -1.62 -2.47 -25.72
CA GLU A 113 -3.03 -2.18 -26.12
C GLU A 113 -3.61 -1.26 -25.07
N ASP A 114 -4.71 -0.59 -25.45
CA ASP A 114 -5.38 0.39 -24.61
C ASP A 114 -6.55 -0.28 -23.84
N PRO A 115 -6.39 -0.52 -22.51
CA PRO A 115 -7.43 -1.15 -21.74
C PRO A 115 -8.66 -0.25 -21.57
N TYR A 116 -8.50 1.06 -21.74
CA TYR A 116 -9.64 1.98 -21.56
C TYR A 116 -10.55 1.90 -22.78
N ALA A 117 -9.99 1.59 -23.98
CA ALA A 117 -10.78 1.34 -25.16
C ALA A 117 -11.67 0.11 -24.91
N LEU A 118 -11.19 -0.90 -24.17
CA LEU A 118 -12.04 -2.07 -23.87
C LEU A 118 -13.20 -1.76 -22.98
N VAL A 119 -12.98 -0.86 -22.04
CA VAL A 119 -14.05 -0.48 -21.14
C VAL A 119 -15.14 0.16 -21.98
N VAL A 120 -14.74 1.11 -22.78
CA VAL A 120 -15.77 1.81 -23.55
C VAL A 120 -16.43 0.93 -24.63
N GLN A 121 -15.68 0.03 -25.23
CA GLN A 121 -16.28 -0.91 -26.16
C GLN A 121 -17.31 -1.77 -25.43
N ALA A 122 -16.99 -2.24 -24.21
CA ALA A 122 -17.98 -3.02 -23.51
C ALA A 122 -19.21 -2.18 -23.14
N MET A 123 -19.00 -0.93 -22.74
CA MET A 123 -20.14 -0.02 -22.55
C MET A 123 -21.10 0.06 -23.75
N ASP A 124 -20.50 0.41 -24.89
CA ASP A 124 -21.16 0.54 -26.25
C ASP A 124 -21.89 -0.72 -26.63
N GLU A 125 -21.34 -1.90 -26.37
CA GLU A 125 -22.05 -3.18 -26.57
C GLU A 125 -23.35 -3.33 -25.85
N GLN A 126 -23.54 -2.67 -24.70
CA GLN A 126 -24.75 -2.85 -23.91
C GLN A 126 -25.50 -1.58 -23.91
N HIS A 127 -25.15 -0.65 -24.78
CA HIS A 127 -25.79 0.64 -24.90
C HIS A 127 -25.79 1.37 -23.59
N ALA A 128 -24.70 1.20 -22.80
CA ALA A 128 -24.52 1.90 -21.50
C ALA A 128 -23.75 3.24 -21.86
N HIS A 129 -24.20 4.35 -21.36
CA HIS A 129 -23.63 5.66 -21.63
C HIS A 129 -23.58 6.50 -20.32
N ALA A 130 -23.78 5.89 -19.16
CA ALA A 130 -23.80 6.64 -17.90
C ALA A 130 -22.99 5.93 -16.87
N LEU A 131 -21.66 6.19 -16.96
CA LEU A 131 -20.69 5.49 -16.11
C LEU A 131 -20.49 6.13 -14.75
N ALA A 132 -20.40 5.28 -13.76
CA ALA A 132 -19.90 5.65 -12.43
C ALA A 132 -18.57 4.98 -12.13
N LEU A 133 -17.63 5.80 -11.68
CA LEU A 133 -16.26 5.33 -11.50
C LEU A 133 -15.91 5.28 -10.02
N ASP A 134 -15.29 4.21 -9.60
CA ASP A 134 -14.77 3.93 -8.27
C ASP A 134 -13.87 5.10 -7.77
N PRO A 135 -14.24 5.71 -6.65
CA PRO A 135 -13.53 6.85 -6.16
C PRO A 135 -12.14 6.44 -5.67
N GLY A 136 -11.94 5.15 -5.35
CA GLY A 136 -10.65 4.66 -4.94
C GLY A 136 -9.71 4.47 -6.08
N ILE A 137 -10.18 4.48 -7.34
CA ILE A 137 -9.30 4.19 -8.45
C ILE A 137 -8.34 5.38 -8.74
N ALA A 138 -7.20 5.08 -9.40
CA ALA A 138 -6.25 6.18 -9.72
C ALA A 138 -6.93 7.17 -10.71
N PHE A 139 -6.72 8.47 -10.49
CA PHE A 139 -7.06 9.56 -11.47
C PHE A 139 -6.68 9.29 -12.91
N ALA A 140 -5.51 8.68 -13.09
CA ALA A 140 -5.09 8.20 -14.35
C ALA A 140 -6.21 7.47 -15.12
N VAL A 141 -7.13 6.81 -14.45
CA VAL A 141 -8.10 6.05 -15.17
C VAL A 141 -9.16 7.03 -15.81
N HIS A 142 -9.43 8.13 -15.11
CA HIS A 142 -10.22 9.15 -15.65
C HIS A 142 -9.62 9.73 -16.89
N THR A 143 -8.31 10.01 -16.91
CA THR A 143 -7.64 10.40 -18.09
C THR A 143 -7.70 9.40 -19.24
N GLY A 144 -7.53 8.13 -18.95
CA GLY A 144 -7.53 7.11 -20.01
C GLY A 144 -8.98 7.00 -20.58
N LEU A 145 -9.97 7.01 -19.73
CA LEU A 145 -11.39 6.90 -20.16
C LEU A 145 -11.79 8.09 -21.04
N ARG A 146 -11.25 9.27 -20.69
CA ARG A 146 -11.58 10.51 -21.39
C ARG A 146 -11.09 10.50 -22.73
N ALA A 147 -10.13 9.67 -23.05
CA ALA A 147 -9.77 9.63 -24.50
C ALA A 147 -10.86 9.00 -25.39
N HIS A 148 -11.78 8.26 -24.79
CA HIS A 148 -12.73 7.50 -25.54
C HIS A 148 -14.19 7.79 -25.15
N LEU A 149 -14.45 8.53 -24.08
CA LEU A 149 -15.76 8.55 -23.46
C LEU A 149 -16.05 10.03 -23.31
N GLY A 150 -17.14 10.50 -23.87
CA GLY A 150 -17.53 11.91 -23.89
C GLY A 150 -18.61 12.24 -22.87
N THR A 151 -19.26 11.26 -22.22
CA THR A 151 -20.38 11.54 -21.30
C THR A 151 -19.90 11.71 -19.87
N ALA A 152 -20.75 12.25 -19.03
CA ALA A 152 -20.38 12.51 -17.66
C ALA A 152 -19.96 11.20 -16.96
N ILE A 153 -18.88 11.28 -16.19
CA ILE A 153 -18.45 10.18 -15.29
C ILE A 153 -18.73 10.57 -13.86
N ARG A 154 -19.68 9.86 -13.29
CA ARG A 154 -20.14 10.08 -11.90
C ARG A 154 -19.16 9.34 -10.95
N ASP A 155 -19.20 9.73 -9.72
CA ASP A 155 -18.35 9.17 -8.64
C ASP A 155 -19.21 7.98 -8.09
N ALA A 156 -18.65 6.79 -7.99
CA ALA A 156 -19.39 5.64 -7.57
C ALA A 156 -19.45 5.45 -6.05
N GLY A 157 -19.02 6.45 -5.28
CA GLY A 157 -18.87 6.30 -3.85
C GLY A 157 -20.21 5.83 -3.19
N ALA A 158 -21.29 6.45 -3.55
CA ALA A 158 -22.63 6.16 -2.97
C ALA A 158 -23.06 4.75 -3.30
N ILE A 159 -22.72 4.25 -4.47
CA ILE A 159 -23.07 2.91 -4.87
C ILE A 159 -22.21 1.93 -4.05
N ILE A 160 -20.90 2.18 -4.00
CA ILE A 160 -19.96 1.27 -3.28
C ILE A 160 -20.25 1.16 -1.75
N ASP A 161 -20.41 2.30 -1.11
CA ASP A 161 -20.72 2.42 0.32
C ASP A 161 -22.07 1.79 0.59
N GLY A 162 -23.03 2.04 -0.31
CA GLY A 162 -24.35 1.52 -0.09
C GLY A 162 -24.40 0.01 -0.19
N CYS A 163 -23.42 -0.60 -0.84
CA CYS A 163 -23.18 -2.02 -0.67
C CYS A 163 -22.38 -2.38 0.57
N ARG A 164 -21.19 -1.83 0.72
CA ARG A 164 -20.21 -2.35 1.64
C ARG A 164 -20.48 -1.90 3.12
N MET A 165 -21.25 -0.86 3.33
CA MET A 165 -21.39 -0.38 4.68
C MET A 165 -21.93 -1.44 5.66
N CYS A 166 -23.01 -2.13 5.27
CA CYS A 166 -23.64 -3.12 6.08
C CYS A 166 -23.07 -4.48 5.77
N LYS A 167 -22.45 -5.12 6.78
CA LYS A 167 -21.78 -6.35 6.65
C LYS A 167 -22.74 -7.54 6.76
N SER A 168 -22.48 -8.59 6.04
CA SER A 168 -23.34 -9.80 6.10
C SER A 168 -22.84 -10.56 7.35
N PRO A 169 -23.57 -11.58 7.76
CA PRO A 169 -23.05 -12.47 8.82
C PRO A 169 -21.74 -13.06 8.49
N ALA A 170 -21.49 -13.47 7.26
CA ALA A 170 -20.22 -14.08 6.94
C ALA A 170 -19.07 -13.03 7.05
N GLU A 171 -19.32 -11.82 6.60
CA GLU A 171 -18.30 -10.66 6.75
C GLU A 171 -17.95 -10.38 8.25
N LEU A 172 -19.00 -10.31 9.06
CA LEU A 172 -18.92 -10.09 10.53
C LEU A 172 -18.10 -11.18 11.17
N ALA A 173 -18.28 -12.44 10.77
CA ALA A 173 -17.45 -13.51 11.40
C ALA A 173 -15.98 -13.46 10.96
N LEU A 174 -15.67 -13.08 9.74
CA LEU A 174 -14.28 -12.92 9.30
C LEU A 174 -13.58 -11.80 10.12
N MET A 175 -14.23 -10.67 10.19
CA MET A 175 -13.87 -9.57 11.04
C MET A 175 -13.65 -9.97 12.47
N GLN A 176 -14.58 -10.76 13.00
CA GLN A 176 -14.53 -11.24 14.36
C GLN A 176 -13.30 -12.10 14.57
N GLN A 177 -13.00 -12.94 13.60
CA GLN A 177 -11.85 -13.77 13.71
C GLN A 177 -10.51 -12.90 13.80
N ALA A 178 -10.40 -11.94 12.90
CA ALA A 178 -9.23 -11.04 12.83
C ALA A 178 -9.08 -10.30 14.13
N CYS A 179 -10.21 -9.82 14.64
CA CYS A 179 -10.22 -9.13 15.88
C CYS A 179 -9.78 -10.05 17.03
N ASP A 180 -10.27 -11.29 17.10
CA ASP A 180 -9.90 -12.15 18.26
C ASP A 180 -8.41 -12.37 18.22
N MET A 181 -7.90 -12.59 17.02
CA MET A 181 -6.49 -12.87 16.83
C MET A 181 -5.62 -11.66 17.30
N THR A 182 -5.96 -10.49 16.82
CA THR A 182 -5.19 -9.30 17.18
C THR A 182 -5.33 -9.01 18.68
N LEU A 183 -6.48 -9.34 19.27
CA LEU A 183 -6.63 -9.07 20.71
C LEU A 183 -5.66 -9.95 21.50
N LEU A 184 -5.52 -11.21 21.07
CA LEU A 184 -4.59 -12.10 21.69
C LEU A 184 -3.13 -11.51 21.56
N VAL A 185 -2.84 -11.03 20.37
CA VAL A 185 -1.49 -10.50 20.06
C VAL A 185 -1.20 -9.31 20.98
N GLN A 186 -2.19 -8.43 21.12
CA GLN A 186 -2.15 -7.24 22.03
C GLN A 186 -1.82 -7.61 23.47
N ARG A 187 -2.52 -8.66 23.90
CA ARG A 187 -2.34 -9.23 25.21
C ARG A 187 -0.94 -9.80 25.44
N LEU A 188 -0.40 -10.52 24.50
CA LEU A 188 0.91 -11.04 24.66
C LEU A 188 1.96 -9.94 24.55
N ALA A 189 1.76 -8.95 23.70
CA ALA A 189 2.77 -7.90 23.63
C ALA A 189 2.86 -7.14 24.99
N ALA A 190 1.71 -6.95 25.63
CA ALA A 190 1.68 -6.29 26.96
C ALA A 190 2.43 -7.19 27.95
N GLY A 191 2.21 -8.49 27.88
CA GLY A 191 3.00 -9.48 28.65
C GLY A 191 4.53 -9.46 28.54
N ILE A 192 5.08 -9.31 27.34
CA ILE A 192 6.48 -9.44 27.12
C ILE A 192 7.17 -8.12 27.36
N ALA A 193 6.39 -7.06 27.56
CA ALA A 193 7.01 -5.75 27.80
C ALA A 193 7.87 -5.70 29.09
N HIS A 194 9.00 -5.00 29.01
CA HIS A 194 9.89 -4.85 30.16
C HIS A 194 10.68 -3.54 29.99
N GLU A 195 11.29 -3.10 31.11
CA GLU A 195 12.19 -1.97 31.06
C GLU A 195 13.21 -2.13 29.91
N GLY A 196 13.46 -1.08 29.16
CA GLY A 196 14.34 -1.14 28.03
C GLY A 196 13.95 -1.81 26.72
N ILE A 197 12.80 -2.47 26.62
CA ILE A 197 12.32 -3.02 25.35
C ILE A 197 12.16 -1.89 24.30
N GLY A 198 12.54 -2.18 23.07
CA GLY A 198 12.35 -1.24 22.00
C GLY A 198 10.95 -1.27 21.34
N THR A 199 10.47 -0.09 20.92
CA THR A 199 9.26 -0.01 20.10
C THR A 199 9.32 -0.97 18.87
N ASP A 200 10.49 -1.02 18.22
CA ASP A 200 10.75 -1.98 17.09
C ASP A 200 10.72 -3.43 17.47
N GLN A 201 11.19 -3.75 18.69
CA GLN A 201 11.06 -5.12 19.19
C GLN A 201 9.58 -5.53 19.38
N LEU A 202 8.75 -4.63 19.83
CA LEU A 202 7.35 -4.92 19.96
C LEU A 202 6.69 -5.04 18.58
N VAL A 203 7.04 -4.12 17.67
CA VAL A 203 6.55 -4.22 16.31
C VAL A 203 6.92 -5.59 15.68
N ARG A 204 8.17 -6.00 15.80
CA ARG A 204 8.59 -7.32 15.13
C ARG A 204 7.84 -8.49 15.80
N PHE A 205 7.66 -8.42 17.12
CA PHE A 205 6.95 -9.46 17.86
C PHE A 205 5.47 -9.57 17.41
N ILE A 206 4.82 -8.42 17.27
CA ILE A 206 3.42 -8.42 16.91
C ILE A 206 3.21 -9.02 15.52
N ASP A 207 4.14 -8.69 14.64
CA ASP A 207 4.16 -9.22 13.27
C ASP A 207 4.34 -10.74 13.26
N GLU A 208 5.35 -11.25 14.02
CA GLU A 208 5.65 -12.70 14.14
C GLU A 208 4.38 -13.37 14.67
N ALA A 209 3.73 -12.71 15.66
CA ALA A 209 2.57 -13.30 16.30
C ALA A 209 1.30 -13.40 15.40
N HIS A 210 0.92 -12.30 14.74
CA HIS A 210 -0.10 -12.35 13.75
C HIS A 210 0.16 -13.46 12.72
N ARG A 211 1.41 -13.58 12.25
CA ARG A 211 1.80 -14.64 11.25
C ARG A 211 1.57 -16.03 11.84
N ALA A 212 2.05 -16.28 13.05
CA ALA A 212 1.96 -17.58 13.67
C ALA A 212 0.52 -18.00 13.75
N LEU A 213 -0.37 -17.06 14.05
CA LEU A 213 -1.76 -17.32 14.21
C LEU A 213 -2.52 -17.54 12.94
N GLY A 214 -1.92 -17.18 11.83
CA GLY A 214 -2.50 -17.48 10.50
C GLY A 214 -3.17 -16.29 9.87
N ALA A 215 -2.71 -15.07 10.15
CA ALA A 215 -3.26 -13.85 9.51
C ALA A 215 -2.99 -14.04 8.01
N ASP A 216 -3.64 -13.28 7.16
CA ASP A 216 -3.33 -13.31 5.73
C ASP A 216 -1.84 -12.88 5.53
N ASN A 217 -1.36 -11.87 6.21
CA ASN A 217 -0.02 -11.38 5.93
C ASN A 217 0.54 -10.66 7.15
N GLY A 218 0.82 -11.35 8.23
CA GLY A 218 1.34 -10.68 9.38
C GLY A 218 0.46 -9.53 9.92
N SER A 219 1.10 -8.52 10.42
CA SER A 219 0.42 -7.26 10.84
C SER A 219 0.16 -6.43 9.59
N THR A 220 -1.04 -5.94 9.45
CA THR A 220 -1.39 -5.05 8.39
C THR A 220 -0.63 -3.78 8.61
N PHE A 221 -0.59 -3.31 9.85
CA PHE A 221 0.16 -2.07 10.23
C PHE A 221 0.51 -2.29 11.72
N CYS A 222 1.45 -1.50 12.24
CA CYS A 222 1.61 -1.52 13.69
C CYS A 222 2.15 -0.26 14.14
N ILE A 223 1.54 0.38 15.15
CA ILE A 223 2.10 1.60 15.77
C ILE A 223 2.37 1.34 17.26
N VAL A 224 3.58 1.66 17.69
CA VAL A 224 3.94 1.50 19.09
C VAL A 224 4.62 2.77 19.55
N GLN A 225 4.06 3.38 20.58
CA GLN A 225 4.62 4.56 21.10
C GLN A 225 4.67 4.51 22.58
N PHE A 226 5.69 5.21 23.15
CA PHE A 226 5.93 5.24 24.59
C PHE A 226 5.95 6.70 25.09
N GLY A 227 5.43 6.95 26.31
CA GLY A 227 5.68 8.22 26.93
C GLY A 227 5.08 9.35 26.19
N HIS A 228 5.91 10.36 25.95
CA HIS A 228 5.44 11.62 25.33
C HIS A 228 5.03 11.45 23.92
N ALA A 229 5.56 10.41 23.30
CA ALA A 229 5.28 10.17 21.90
C ALA A 229 3.76 9.70 21.75
N THR A 230 3.12 9.27 22.84
CA THR A 230 1.72 8.87 22.78
C THR A 230 0.80 10.11 22.49
N ALA A 231 1.37 11.30 22.61
CA ALA A 231 0.62 12.55 22.32
C ALA A 231 0.32 12.85 20.84
N PHE A 232 0.93 12.09 19.94
CA PHE A 232 0.75 12.26 18.55
C PHE A 232 -0.16 11.14 18.02
N PRO A 233 -1.36 11.51 17.55
CA PRO A 233 -2.30 10.43 17.18
C PRO A 233 -1.73 9.38 16.20
N HIS A 234 -1.04 9.89 15.18
CA HIS A 234 -0.26 9.00 14.32
C HIS A 234 1.25 8.94 14.43
N GLY A 235 1.78 9.51 15.49
CA GLY A 235 3.16 9.15 15.91
C GLY A 235 4.22 9.82 15.13
N ILE A 236 5.43 9.66 15.63
CA ILE A 236 6.59 10.30 15.03
C ILE A 236 7.69 9.22 14.72
N PRO A 237 8.52 9.46 13.73
CA PRO A 237 9.63 8.52 13.43
C PRO A 237 10.56 8.24 14.65
N GLY A 238 11.21 7.10 14.71
CA GLY A 238 12.31 6.94 15.66
C GLY A 238 12.00 5.80 16.64
N VAL A 239 13.01 5.11 17.12
CA VAL A 239 12.79 3.95 17.98
C VAL A 239 12.78 4.52 19.34
N GLN A 240 11.94 4.05 20.22
CA GLN A 240 12.06 4.35 21.63
C GLN A 240 12.33 3.10 22.51
N HIS A 241 12.80 3.33 23.76
CA HIS A 241 13.01 2.26 24.76
C HIS A 241 12.20 2.58 26.05
N LEU A 242 11.51 1.55 26.54
CA LEU A 242 10.51 1.70 27.56
C LEU A 242 11.13 2.01 28.91
N ARG A 243 10.47 2.87 29.66
CA ARG A 243 10.88 3.17 31.02
C ARG A 243 9.66 3.14 31.92
N ALA A 244 9.81 2.68 33.19
CA ALA A 244 8.75 2.83 34.20
C ALA A 244 8.20 4.22 34.28
N GLY A 245 6.87 4.33 34.42
CA GLY A 245 6.17 5.60 34.45
C GLY A 245 5.60 6.07 33.13
N GLU A 246 5.94 5.39 32.02
CA GLU A 246 5.41 5.76 30.65
C GLU A 246 4.19 4.95 30.31
N LEU A 247 3.26 5.62 29.64
CA LEU A 247 2.26 4.97 28.89
C LEU A 247 2.83 4.30 27.61
N VAL A 248 2.12 3.26 27.18
CA VAL A 248 2.45 2.50 25.99
C VAL A 248 1.19 2.47 25.21
N LEU A 249 1.25 2.93 23.97
CA LEU A 249 0.09 2.90 23.06
C LEU A 249 0.47 1.95 21.90
N ILE A 250 -0.35 0.94 21.62
CA ILE A 250 -0.09 -0.02 20.55
C ILE A 250 -1.32 -0.11 19.72
N ASP A 251 -1.22 0.20 18.43
CA ASP A 251 -2.38 0.14 17.52
C ASP A 251 -1.98 -0.76 16.39
N THR A 252 -2.69 -1.87 16.21
CA THR A 252 -2.29 -2.87 15.23
C THR A 252 -3.48 -3.66 14.78
N GLY A 253 -3.28 -4.46 13.75
CA GLY A 253 -4.35 -5.28 13.21
C GLY A 253 -3.80 -6.21 12.11
N CYS A 254 -4.66 -7.12 11.70
CA CYS A 254 -4.38 -8.08 10.64
C CYS A 254 -5.58 -8.18 9.72
N THR A 255 -5.44 -9.01 8.68
CA THR A 255 -6.67 -9.36 7.90
C THR A 255 -6.88 -10.84 7.87
N VAL A 256 -8.13 -11.23 7.71
CA VAL A 256 -8.55 -12.61 7.50
C VAL A 256 -9.46 -12.56 6.28
N GLN A 257 -8.99 -13.18 5.22
CA GLN A 257 -9.61 -13.12 3.90
C GLN A 257 -9.87 -11.66 3.54
N GLY A 258 -8.89 -10.77 3.83
CA GLY A 258 -9.05 -9.35 3.51
C GLY A 258 -9.79 -8.48 4.56
N TYR A 259 -10.51 -9.10 5.49
CA TYR A 259 -11.35 -8.36 6.45
C TYR A 259 -10.46 -7.96 7.63
N HIS A 260 -10.59 -6.69 8.08
CA HIS A 260 -9.63 -6.10 9.01
C HIS A 260 -10.04 -6.09 10.44
N SER A 261 -9.05 -6.39 11.28
CA SER A 261 -8.97 -5.82 12.63
C SER A 261 -8.10 -4.52 12.75
N ASP A 262 -8.26 -3.87 13.92
CA ASP A 262 -7.77 -2.53 14.12
C ASP A 262 -8.07 -2.15 15.59
N ILE A 263 -7.13 -2.41 16.46
CA ILE A 263 -7.34 -2.33 17.88
C ILE A 263 -6.21 -1.52 18.50
N THR A 264 -6.55 -0.57 19.39
CA THR A 264 -5.53 0.16 20.11
C THR A 264 -5.78 -0.12 21.59
N ARG A 265 -4.68 -0.40 22.23
CA ARG A 265 -4.52 -0.38 23.70
C ARG A 265 -3.47 0.65 24.20
N THR A 266 -3.80 1.34 25.29
CA THR A 266 -2.94 2.26 25.93
C THR A 266 -2.90 1.86 27.42
N TRP A 267 -1.71 1.54 27.92
CA TRP A 267 -1.56 1.00 29.31
C TRP A 267 -0.29 1.57 29.95
N ILE A 268 -0.29 1.67 31.26
CA ILE A 268 0.89 2.05 31.99
C ILE A 268 1.90 0.91 32.19
N TYR A 269 3.14 1.25 32.00
CA TYR A 269 4.22 0.44 32.50
C TYR A 269 4.81 1.07 33.80
N GLY A 270 4.63 0.36 34.91
CA GLY A 270 4.98 0.83 36.25
C GLY A 270 3.79 1.58 36.82
N THR A 271 4.09 2.57 37.64
CA THR A 271 3.09 3.36 38.41
C THR A 271 2.63 4.57 37.63
N PRO A 272 1.31 4.78 37.47
CA PRO A 272 0.84 6.00 36.77
C PRO A 272 0.81 7.25 37.62
N SER A 273 0.95 8.44 37.03
CA SER A 273 0.61 9.69 37.69
C SER A 273 -0.88 9.83 37.78
N ASP A 274 -1.29 10.80 38.61
CA ASP A 274 -2.71 11.15 38.73
C ASP A 274 -3.29 11.58 37.40
N ALA A 275 -2.54 12.38 36.72
CA ALA A 275 -2.93 12.88 35.40
C ALA A 275 -3.09 11.76 34.35
N GLN A 276 -2.21 10.78 34.34
CA GLN A 276 -2.37 9.60 33.49
C GLN A 276 -3.64 8.85 33.83
N GLN A 277 -3.92 8.61 35.11
CA GLN A 277 -5.14 7.88 35.54
C GLN A 277 -6.34 8.58 35.17
N ARG A 278 -6.34 9.85 35.46
CA ARG A 278 -7.53 10.68 35.25
C ARG A 278 -7.94 10.66 33.74
N ILE A 279 -6.97 10.96 32.90
CA ILE A 279 -7.19 10.96 31.44
C ILE A 279 -7.54 9.57 30.94
N TRP A 280 -6.89 8.54 31.46
CA TRP A 280 -7.17 7.20 31.01
C TRP A 280 -8.64 6.84 31.36
N GLU A 281 -9.10 7.18 32.59
CA GLU A 281 -10.53 6.84 32.92
C GLU A 281 -11.52 7.67 32.08
N LEU A 282 -11.16 8.87 31.78
CA LEU A 282 -12.00 9.70 30.95
C LEU A 282 -12.11 9.12 29.50
N GLU A 283 -10.98 8.63 29.01
CA GLU A 283 -11.02 8.00 27.71
C GLU A 283 -11.99 6.78 27.72
N LEU A 284 -11.89 5.92 28.75
CA LEU A 284 -12.76 4.72 28.79
C LEU A 284 -14.22 5.17 28.84
N ALA A 285 -14.45 6.20 29.63
CA ALA A 285 -15.79 6.77 29.75
C ALA A 285 -16.33 7.36 28.43
N ALA A 286 -15.49 8.08 27.70
CA ALA A 286 -15.87 8.65 26.41
C ALA A 286 -16.13 7.57 25.42
N GLN A 287 -15.27 6.57 25.37
CA GLN A 287 -15.55 5.34 24.49
C GLN A 287 -16.94 4.64 24.82
N ALA A 288 -17.29 4.57 26.10
CA ALA A 288 -18.51 3.90 26.58
C ALA A 288 -19.79 4.67 26.25
N ALA A 289 -19.70 5.98 26.36
CA ALA A 289 -20.77 6.85 25.94
C ALA A 289 -21.05 6.83 24.42
N ALA A 290 -20.01 6.87 23.64
CA ALA A 290 -20.10 6.66 22.17
C ALA A 290 -20.74 5.30 21.90
N PHE A 291 -20.34 4.20 22.55
CA PHE A 291 -20.97 2.94 22.29
C PHE A 291 -22.48 2.99 22.66
N ALA A 292 -22.79 3.58 23.82
CA ALA A 292 -24.15 3.65 24.38
C ALA A 292 -25.05 4.43 23.44
N ALA A 293 -24.49 5.33 22.63
CA ALA A 293 -25.29 6.11 21.70
C ALA A 293 -25.68 5.34 20.46
N VAL A 294 -25.11 4.16 20.21
CA VAL A 294 -25.31 3.47 18.97
C VAL A 294 -26.61 2.57 18.99
N ARG A 295 -27.42 2.76 17.96
CA ARG A 295 -28.49 1.84 17.54
C ARG A 295 -29.00 2.32 16.25
N PRO A 296 -29.87 1.51 15.57
CA PRO A 296 -30.42 1.93 14.26
C PRO A 296 -31.12 3.27 14.22
N GLY A 297 -30.88 4.05 13.21
CA GLY A 297 -31.49 5.38 13.13
C GLY A 297 -30.65 6.54 13.61
N VAL A 298 -29.74 6.29 14.51
CA VAL A 298 -28.90 7.37 15.11
C VAL A 298 -27.90 7.92 14.06
N ALA A 299 -27.85 9.23 13.92
CA ALA A 299 -26.92 9.90 13.03
C ALA A 299 -25.47 9.62 13.51
N CYS A 300 -24.61 9.31 12.55
CA CYS A 300 -23.14 9.04 12.87
C CYS A 300 -22.52 10.12 13.70
N GLU A 301 -22.87 11.37 13.41
CA GLU A 301 -22.35 12.53 14.24
C GLU A 301 -22.80 12.55 15.69
N ALA A 302 -23.99 11.95 15.95
CA ALA A 302 -24.49 11.86 17.32
C ALA A 302 -23.56 10.98 18.13
N VAL A 303 -22.90 10.02 17.50
CA VAL A 303 -22.06 9.08 18.31
C VAL A 303 -20.77 9.87 18.71
N ASP A 304 -20.25 10.60 17.76
CA ASP A 304 -19.04 11.43 18.01
C ASP A 304 -19.41 12.46 19.06
N GLN A 305 -20.59 13.08 18.89
CA GLN A 305 -21.02 14.09 19.91
C GLN A 305 -21.13 13.52 21.32
N ALA A 306 -21.55 12.26 21.41
CA ALA A 306 -21.69 11.64 22.76
C ALA A 306 -20.32 11.54 23.45
N ALA A 307 -19.31 11.17 22.66
CA ALA A 307 -17.95 11.14 23.19
C ALA A 307 -17.42 12.54 23.69
N ARG A 308 -17.62 13.54 22.85
CA ARG A 308 -17.25 14.87 23.23
C ARG A 308 -18.02 15.42 24.46
N ALA A 309 -19.30 15.04 24.62
CA ALA A 309 -20.06 15.47 25.76
C ALA A 309 -19.40 14.95 27.09
N VAL A 310 -18.87 13.73 27.11
CA VAL A 310 -18.19 13.24 28.30
C VAL A 310 -16.92 14.08 28.53
N LEU A 311 -16.20 14.40 27.47
CA LEU A 311 -14.92 15.11 27.64
C LEU A 311 -15.21 16.50 28.18
N GLN A 312 -16.24 17.10 27.62
CA GLN A 312 -16.57 18.42 27.93
C GLN A 312 -17.15 18.60 29.33
N ALA A 313 -17.98 17.67 29.80
CA ALA A 313 -18.43 17.65 31.18
C ALA A 313 -17.26 17.53 32.14
N ALA A 314 -16.12 16.96 31.73
CA ALA A 314 -14.90 16.93 32.56
C ALA A 314 -13.99 18.09 32.37
N GLY A 315 -14.35 19.10 31.57
CA GLY A 315 -13.48 20.28 31.53
C GLY A 315 -12.59 20.27 30.33
N LEU A 316 -12.66 19.24 29.49
CA LEU A 316 -11.90 19.17 28.22
C LEU A 316 -12.68 19.70 26.99
N GLY A 317 -12.02 19.78 25.84
CA GLY A 317 -12.71 20.24 24.64
C GLY A 317 -12.92 21.74 24.93
N PRO A 318 -14.04 22.35 24.47
CA PRO A 318 -15.11 21.69 23.66
C PRO A 318 -14.56 21.40 22.20
N ASP A 319 -15.37 20.88 21.27
CA ASP A 319 -15.01 20.81 19.85
C ASP A 319 -13.76 19.94 19.76
N TYR A 320 -12.76 20.38 19.02
CA TYR A 320 -11.49 19.66 18.96
C TYR A 320 -10.40 20.21 19.82
N ARG A 321 -10.75 21.12 20.73
CA ARG A 321 -9.76 21.85 21.49
C ARG A 321 -8.97 20.89 22.43
N LEU A 322 -7.68 21.13 22.56
CA LEU A 322 -6.81 20.32 23.37
C LEU A 322 -6.52 21.02 24.71
N PRO A 323 -6.42 20.30 25.83
CA PRO A 323 -6.63 18.83 25.91
C PRO A 323 -8.06 18.38 25.54
N GLY A 324 -8.13 17.27 24.79
CA GLY A 324 -9.44 16.79 24.30
C GLY A 324 -9.16 15.87 23.10
N LEU A 325 -10.16 15.77 22.24
CA LEU A 325 -10.27 14.84 21.15
C LEU A 325 -10.09 15.62 19.85
N PRO A 326 -8.85 15.55 19.25
CA PRO A 326 -8.54 16.43 18.11
C PRO A 326 -9.05 15.88 16.74
N HIS A 327 -9.59 14.66 16.72
CA HIS A 327 -10.03 13.99 15.50
C HIS A 327 -11.39 13.36 15.75
N ARG A 328 -11.92 12.67 14.77
CA ARG A 328 -13.25 12.12 14.81
C ARG A 328 -13.27 11.01 15.82
N THR A 329 -14.50 10.57 16.19
CA THR A 329 -14.59 9.44 17.11
C THR A 329 -14.24 8.06 16.53
N GLY A 330 -14.48 7.86 15.24
CA GLY A 330 -14.31 6.56 14.65
C GLY A 330 -14.59 6.54 13.17
N HIS A 331 -14.21 5.38 12.56
CA HIS A 331 -14.33 5.15 11.14
C HIS A 331 -14.95 3.77 10.91
N GLY A 332 -15.62 3.63 9.80
CA GLY A 332 -15.98 2.34 9.33
C GLY A 332 -14.79 1.48 9.00
N CYS A 333 -15.05 0.16 9.01
CA CYS A 333 -14.03 -0.84 8.80
C CYS A 333 -14.62 -2.02 8.08
N GLY A 334 -13.84 -2.62 7.20
CA GLY A 334 -14.27 -3.79 6.50
C GLY A 334 -13.16 -4.51 5.75
N LEU A 335 -13.33 -4.55 4.40
CA LEU A 335 -12.19 -4.89 3.49
C LEU A 335 -11.10 -3.79 3.51
N ALA A 336 -11.42 -2.59 3.98
CA ALA A 336 -10.41 -1.49 4.13
C ALA A 336 -10.37 -1.12 5.60
N ILE A 337 -9.19 -0.68 6.03
CA ILE A 337 -9.04 -0.25 7.35
C ILE A 337 -10.00 0.88 7.63
N HIS A 338 -10.07 1.86 6.72
CA HIS A 338 -10.96 2.99 6.89
C HIS A 338 -11.95 3.01 5.74
N GLU A 339 -13.24 3.00 6.03
CA GLU A 339 -14.28 3.07 5.04
C GLU A 339 -15.51 3.68 5.70
N ALA A 340 -16.56 3.94 4.92
CA ALA A 340 -17.77 4.53 5.44
C ALA A 340 -18.45 3.47 6.38
N PRO A 341 -19.25 3.94 7.35
CA PRO A 341 -19.49 5.37 7.60
C PRO A 341 -18.53 5.91 8.63
N TYR A 342 -18.32 7.22 8.61
CA TYR A 342 -17.38 7.93 9.52
C TYR A 342 -18.16 8.56 10.68
N LEU A 343 -17.67 8.33 11.87
CA LEU A 343 -18.31 8.87 13.12
C LEU A 343 -17.71 10.21 13.39
N VAL A 344 -18.21 11.19 12.69
CA VAL A 344 -17.60 12.49 12.60
C VAL A 344 -18.66 13.51 12.59
N ARG A 345 -18.36 14.67 13.13
CA ARG A 345 -19.26 15.86 13.13
C ARG A 345 -19.66 16.18 11.64
N GLY A 346 -20.99 16.41 11.44
CA GLY A 346 -21.49 16.74 10.13
C GLY A 346 -22.04 15.53 9.36
N ASN A 347 -21.72 14.30 9.76
CA ASN A 347 -22.17 13.15 9.03
C ASN A 347 -23.56 12.75 9.59
N ARG A 348 -24.58 13.00 8.80
CA ARG A 348 -25.96 12.65 9.14
C ARG A 348 -26.34 11.24 8.80
N GLN A 349 -25.48 10.51 8.19
CA GLN A 349 -25.74 9.11 7.83
C GLN A 349 -26.33 8.33 9.01
N PRO A 350 -27.55 7.79 8.83
CA PRO A 350 -28.11 7.00 9.92
C PRO A 350 -27.45 5.64 9.95
N LEU A 351 -27.22 5.15 11.17
CA LEU A 351 -26.59 3.91 11.43
C LEU A 351 -27.58 2.84 11.12
N GLN A 352 -27.12 1.75 10.54
CA GLN A 352 -28.06 0.62 10.19
C GLN A 352 -27.43 -0.70 10.54
N PRO A 353 -28.28 -1.73 10.78
CA PRO A 353 -27.81 -2.99 11.26
C PRO A 353 -26.74 -3.52 10.36
N GLY A 354 -25.69 -4.06 10.96
CA GLY A 354 -24.59 -4.61 10.12
C GLY A 354 -23.44 -3.60 9.82
N MET A 355 -23.68 -2.33 10.00
CA MET A 355 -22.59 -1.35 9.91
C MET A 355 -21.50 -1.63 10.90
N CYS A 356 -20.23 -1.48 10.50
CA CYS A 356 -19.07 -1.73 11.41
C CYS A 356 -18.24 -0.42 11.52
N ALA A 357 -17.88 -0.02 12.75
CA ALA A 357 -17.00 1.16 12.93
C ALA A 357 -16.11 1.03 14.16
N SER A 358 -15.01 1.80 14.21
CA SER A 358 -14.18 1.88 15.33
C SER A 358 -14.83 2.87 16.32
N ASN A 359 -14.42 2.73 17.56
CA ASN A 359 -14.79 3.64 18.63
C ASN A 359 -13.48 3.97 19.45
N GLU A 360 -12.90 5.11 19.14
CA GLU A 360 -11.49 5.43 19.46
C GLU A 360 -11.36 6.95 19.71
N PRO A 361 -12.11 7.47 20.69
CA PRO A 361 -12.12 8.88 20.96
C PRO A 361 -10.88 9.45 21.76
N MET A 362 -9.74 9.29 21.15
CA MET A 362 -8.41 9.55 21.80
C MET A 362 -8.37 10.96 22.43
N ILE A 363 -7.80 11.03 23.62
CA ILE A 363 -7.54 12.29 24.28
C ILE A 363 -6.06 12.62 24.12
N VAL A 364 -5.75 13.81 23.66
CA VAL A 364 -4.38 14.31 23.63
C VAL A 364 -4.22 15.41 24.63
N VAL A 365 -3.15 15.31 25.44
CA VAL A 365 -2.78 16.36 26.38
C VAL A 365 -1.42 16.96 25.89
N PRO A 366 -1.46 18.13 25.22
CA PRO A 366 -0.23 18.57 24.50
C PRO A 366 0.98 18.72 25.43
N GLY A 367 2.14 18.23 24.99
CA GLY A 367 3.30 18.36 25.85
C GLY A 367 3.45 17.11 26.67
N ALA A 368 2.38 16.27 26.80
CA ALA A 368 2.40 15.27 27.87
C ALA A 368 2.24 13.90 27.37
N PHE A 369 1.03 13.51 27.03
CA PHE A 369 0.80 12.11 26.51
C PHE A 369 -0.59 12.08 25.81
N GLY A 370 -0.95 10.94 25.28
CA GLY A 370 -2.31 10.72 24.83
C GLY A 370 -2.75 9.38 25.28
N VAL A 371 -4.06 9.20 25.28
CA VAL A 371 -4.66 7.91 25.57
C VAL A 371 -5.68 7.59 24.52
N ARG A 372 -5.42 6.50 23.76
CA ARG A 372 -6.39 6.05 22.77
C ARG A 372 -6.76 4.61 23.15
N LEU A 373 -8.05 4.43 23.27
CA LEU A 373 -8.64 3.10 23.43
C LEU A 373 -9.51 2.91 22.20
N GLU A 374 -9.21 1.83 21.48
CA GLU A 374 -9.89 1.49 20.24
C GLU A 374 -10.37 0.06 20.19
N ASP A 375 -11.71 -0.05 20.06
CA ASP A 375 -12.38 -1.35 19.86
C ASP A 375 -13.45 -1.04 18.78
N HIS A 376 -13.74 -2.00 17.96
CA HIS A 376 -14.77 -1.82 16.91
C HIS A 376 -16.05 -2.47 17.38
N PHE A 377 -17.13 -2.02 16.78
CA PHE A 377 -18.47 -2.57 17.05
C PHE A 377 -19.18 -2.78 15.77
N TYR A 378 -20.21 -3.58 15.84
CA TYR A 378 -21.23 -3.52 14.81
C TYR A 378 -22.67 -3.23 15.28
N VAL A 379 -23.45 -2.63 14.40
CA VAL A 379 -24.79 -2.18 14.78
C VAL A 379 -25.63 -3.42 14.65
N THR A 380 -26.38 -3.70 15.71
CA THR A 380 -27.47 -4.78 15.69
C THR A 380 -28.85 -4.19 15.43
N ASP A 381 -29.88 -5.06 15.43
CA ASP A 381 -31.25 -4.55 15.31
C ASP A 381 -31.70 -3.67 16.42
N THR A 382 -31.14 -3.76 17.63
CA THR A 382 -31.57 -2.94 18.69
C THR A 382 -30.47 -2.10 19.32
N GLY A 383 -29.21 -2.25 18.92
CA GLY A 383 -28.15 -1.48 19.62
C GLY A 383 -26.84 -1.75 18.91
N ALA A 384 -25.83 -2.22 19.64
CA ALA A 384 -24.55 -2.51 19.04
C ALA A 384 -23.98 -3.72 19.77
N GLN A 385 -22.99 -4.31 19.18
CA GLN A 385 -22.19 -5.32 19.75
C GLN A 385 -20.73 -5.00 19.57
N TRP A 386 -19.94 -5.16 20.62
CA TRP A 386 -18.50 -5.01 20.52
C TRP A 386 -17.86 -6.19 19.78
N PHE A 387 -16.94 -5.94 18.86
CA PHE A 387 -16.15 -7.07 18.41
C PHE A 387 -15.17 -7.51 19.50
N THR A 388 -14.58 -6.56 20.21
CA THR A 388 -13.67 -6.83 21.32
C THR A 388 -14.16 -6.03 22.53
N PRO A 389 -14.08 -6.64 23.77
CA PRO A 389 -14.57 -5.93 24.90
C PRO A 389 -13.55 -4.87 25.28
N PRO A 390 -14.04 -3.72 25.74
CA PRO A 390 -13.07 -2.65 26.09
C PRO A 390 -12.23 -3.00 27.25
N SER A 391 -11.17 -2.21 27.41
CA SER A 391 -10.22 -2.32 28.51
C SER A 391 -10.97 -2.06 29.82
N VAL A 392 -10.36 -2.52 30.93
CA VAL A 392 -10.88 -2.39 32.32
C VAL A 392 -10.20 -1.33 33.08
N ALA A 393 -8.88 -1.23 32.99
CA ALA A 393 -8.20 -0.17 33.77
C ALA A 393 -6.88 0.15 33.16
N ILE A 394 -6.26 1.17 33.71
CA ILE A 394 -5.00 1.71 33.14
C ILE A 394 -3.92 0.65 33.14
N ASP A 395 -4.07 -0.29 34.11
CA ASP A 395 -3.17 -1.38 34.19
C ASP A 395 -3.89 -2.70 33.99
N GLN A 396 -5.07 -2.67 33.40
CA GLN A 396 -5.74 -3.88 33.00
C GLN A 396 -6.28 -3.63 31.63
N PRO A 397 -5.35 -3.69 30.66
CA PRO A 397 -5.79 -3.47 29.25
C PRO A 397 -6.81 -4.40 28.68
N PHE A 398 -6.98 -5.57 29.30
CA PHE A 398 -7.87 -6.65 28.78
C PHE A 398 -8.99 -7.04 29.74
N ALA A 399 -10.22 -6.91 29.26
CA ALA A 399 -11.40 -7.37 30.00
C ALA A 399 -11.16 -8.89 30.16
N SER B 2 28.27 -24.86 -8.39
CA SER B 2 27.40 -24.48 -7.22
C SER B 2 28.29 -24.16 -5.93
N THR B 3 29.48 -23.51 -6.08
CA THR B 3 30.13 -22.90 -4.91
C THR B 3 29.27 -21.69 -4.44
N GLN B 4 28.41 -21.05 -5.28
CA GLN B 4 27.54 -19.98 -4.78
C GLN B 4 26.22 -20.51 -4.19
N ILE B 5 25.88 -21.72 -4.58
CA ILE B 5 24.62 -22.28 -4.25
C ILE B 5 24.81 -23.38 -3.21
N GLY B 6 24.23 -23.18 -2.02
CA GLY B 6 24.32 -24.15 -0.91
C GLY B 6 25.65 -24.09 -0.19
N GLY B 7 25.72 -24.79 0.94
CA GLY B 7 26.99 -24.99 1.66
C GLY B 7 27.23 -24.01 2.78
N MET B 8 26.46 -22.91 2.86
CA MET B 8 26.72 -21.86 3.83
C MET B 8 25.82 -22.10 4.99
N SER B 9 26.39 -22.11 6.20
CA SER B 9 25.56 -22.05 7.40
C SER B 9 24.89 -20.68 7.65
N LEU B 10 23.76 -20.79 8.33
CA LEU B 10 23.11 -19.64 8.91
C LEU B 10 24.03 -18.75 9.68
N ASP B 11 24.97 -19.26 10.50
CA ASP B 11 25.86 -18.27 11.13
C ASP B 11 27.04 -17.87 10.34
N GLN B 12 27.42 -18.63 9.33
CA GLN B 12 28.36 -18.06 8.33
C GLN B 12 27.68 -16.82 7.65
N ALA B 13 26.43 -17.00 7.27
CA ALA B 13 25.69 -15.89 6.56
C ALA B 13 25.68 -14.66 7.50
N ARG B 14 25.31 -14.93 8.76
CA ARG B 14 25.27 -13.84 9.80
C ARG B 14 26.57 -13.13 9.99
N THR B 15 27.71 -13.76 9.75
CA THR B 15 28.95 -12.98 9.81
C THR B 15 29.12 -11.95 8.71
N GLN B 16 28.36 -12.01 7.61
CA GLN B 16 28.46 -10.94 6.61
C GLN B 16 27.36 -9.92 6.71
N LEU B 17 26.68 -9.88 7.84
CA LEU B 17 25.53 -9.04 8.01
C LEU B 17 25.71 -7.92 9.03
N ALA B 18 26.90 -7.37 9.15
CA ALA B 18 27.09 -6.15 9.94
C ALA B 18 26.33 -5.00 9.21
N PRO B 19 25.95 -3.94 9.96
CA PRO B 19 25.29 -2.81 9.26
C PRO B 19 26.11 -2.21 8.11
N TRP B 20 25.41 -1.84 7.05
CA TRP B 20 26.12 -1.33 5.88
C TRP B 20 26.92 -0.09 6.22
N THR B 21 28.19 -0.03 5.82
CA THR B 21 28.96 1.16 6.23
C THR B 21 29.04 2.23 5.13
N GLN B 22 28.86 1.87 3.86
CA GLN B 22 28.90 2.87 2.82
C GLN B 22 27.47 3.49 2.63
N ARG B 23 27.06 4.43 3.50
CA ARG B 23 25.67 4.89 3.54
C ARG B 23 25.66 6.09 2.64
N ALA B 24 24.80 6.08 1.63
CA ALA B 24 24.53 7.26 0.82
C ALA B 24 23.88 8.40 1.66
N ALA B 25 24.21 9.64 1.33
CA ALA B 25 23.65 10.81 2.01
C ALA B 25 22.10 10.93 1.73
N PRO B 26 21.31 11.34 2.73
CA PRO B 26 19.95 11.60 2.41
C PRO B 26 19.79 12.84 1.44
N ILE B 27 18.57 12.94 0.91
CA ILE B 27 18.25 14.02 0.01
C ILE B 27 18.22 15.29 0.85
N GLY B 28 18.96 16.29 0.46
CA GLY B 28 19.01 17.49 1.29
C GLY B 28 18.04 18.59 0.83
N ALA B 29 17.93 19.57 1.67
CA ALA B 29 16.92 20.63 1.58
C ALA B 29 16.94 21.28 0.17
N ASP B 30 18.14 21.59 -0.37
CA ASP B 30 18.32 22.29 -1.62
C ASP B 30 17.74 21.48 -2.78
N GLU B 31 17.96 20.19 -2.73
CA GLU B 31 17.45 19.33 -3.78
C GLU B 31 15.88 19.29 -3.74
N TYR B 32 15.26 19.34 -2.52
CA TYR B 32 13.77 19.46 -2.59
C TYR B 32 13.37 20.75 -3.31
N GLN B 33 14.12 21.85 -3.06
CA GLN B 33 13.82 23.10 -3.73
C GLN B 33 14.05 22.98 -5.24
N GLN B 34 15.07 22.31 -5.68
CA GLN B 34 15.27 22.11 -7.14
C GLN B 34 14.16 21.30 -7.79
N ARG B 35 13.66 20.33 -7.06
CA ARG B 35 12.47 19.55 -7.63
C ARG B 35 11.25 20.46 -7.79
N ILE B 36 10.99 21.34 -6.79
CA ILE B 36 9.87 22.31 -6.86
C ILE B 36 10.08 23.23 -8.03
N GLU B 37 11.29 23.72 -8.24
CA GLU B 37 11.54 24.59 -9.44
C GLU B 37 11.39 23.92 -10.73
N ARG B 38 11.82 22.70 -10.76
CA ARG B 38 11.71 21.95 -11.96
C ARG B 38 10.19 21.73 -12.26
N ALA B 39 9.40 21.43 -11.24
CA ALA B 39 7.97 21.26 -11.46
C ALA B 39 7.33 22.55 -11.97
N ARG B 40 7.78 23.70 -11.48
CA ARG B 40 7.26 25.00 -11.91
C ARG B 40 7.50 25.35 -13.36
N VAL B 41 8.69 25.04 -13.83
CA VAL B 41 9.03 25.13 -15.21
C VAL B 41 8.24 24.17 -16.14
N LEU B 42 8.10 22.93 -15.69
CA LEU B 42 7.20 22.04 -16.41
C LEU B 42 5.78 22.53 -16.50
N MET B 43 5.32 23.09 -15.40
CA MET B 43 3.99 23.69 -15.36
C MET B 43 3.83 24.81 -16.43
N ARG B 44 4.74 25.79 -16.37
CA ARG B 44 4.82 26.84 -17.37
C ARG B 44 4.90 26.30 -18.79
N ALA B 45 5.73 25.32 -19.07
CA ALA B 45 5.81 24.76 -20.40
C ALA B 45 4.49 24.27 -20.87
N GLN B 46 3.68 23.65 -19.98
CA GLN B 46 2.45 23.04 -20.36
C GLN B 46 1.25 24.00 -20.14
N GLY B 47 1.45 25.22 -19.70
CA GLY B 47 0.26 26.10 -19.51
C GLY B 47 -0.61 25.80 -18.32
N VAL B 48 -0.02 25.25 -17.27
CA VAL B 48 -0.68 24.88 -16.06
C VAL B 48 -0.18 25.86 -15.03
N ASP B 49 -1.04 26.34 -14.13
CA ASP B 49 -0.60 27.30 -13.08
C ASP B 49 -0.80 26.81 -11.64
N ALA B 50 -1.25 25.58 -11.49
CA ALA B 50 -1.45 25.03 -10.17
C ALA B 50 -1.34 23.47 -10.33
N LEU B 51 -0.79 22.80 -9.30
CA LEU B 51 -0.36 21.41 -9.37
C LEU B 51 -0.70 20.83 -8.04
N LEU B 52 -1.59 19.82 -7.96
CA LEU B 52 -1.81 19.21 -6.68
C LEU B 52 -1.23 17.82 -6.66
N ILE B 53 -0.49 17.56 -5.60
CA ILE B 53 0.19 16.28 -5.41
C ILE B 53 -0.32 15.61 -4.22
N GLY B 54 -0.73 14.33 -4.37
CA GLY B 54 -1.29 13.63 -3.25
C GLY B 54 -0.18 12.91 -2.44
N ALA B 55 -0.55 12.56 -1.19
CA ALA B 55 0.24 11.71 -0.38
C ALA B 55 0.61 10.45 -1.11
N GLY B 56 1.84 10.01 -0.93
CA GLY B 56 2.38 8.91 -1.69
C GLY B 56 3.76 9.26 -2.20
N THR B 57 4.29 8.48 -3.18
CA THR B 57 5.67 8.70 -3.58
C THR B 57 5.87 10.06 -4.19
N SER B 58 4.86 10.70 -4.81
CA SER B 58 5.12 11.99 -5.35
C SER B 58 5.21 13.06 -4.24
N LEU B 59 4.41 12.91 -3.19
CA LEU B 59 4.54 13.90 -2.08
C LEU B 59 5.86 13.75 -1.41
N ARG B 60 6.29 12.50 -1.30
CA ARG B 60 7.58 12.24 -0.69
C ARG B 60 8.67 12.93 -1.52
N TYR B 61 8.53 12.84 -2.86
CA TYR B 61 9.51 13.42 -3.78
C TYR B 61 9.64 14.92 -3.61
N PHE B 62 8.53 15.59 -3.51
CA PHE B 62 8.55 17.01 -3.49
C PHE B 62 8.72 17.60 -2.08
N SER B 63 8.35 16.84 -1.04
CA SER B 63 8.19 17.44 0.31
C SER B 63 8.89 16.64 1.35
N GLY B 64 9.34 15.42 1.07
CA GLY B 64 9.86 14.53 2.13
C GLY B 64 8.81 13.77 3.01
N VAL B 65 7.52 14.13 2.92
CA VAL B 65 6.44 13.43 3.67
C VAL B 65 6.32 12.03 3.09
N PRO B 66 6.51 10.98 3.94
CA PRO B 66 6.54 9.64 3.41
C PRO B 66 5.22 8.87 3.60
N TRP B 67 4.20 9.50 4.11
CA TRP B 67 2.94 8.81 4.45
C TRP B 67 2.25 8.21 3.20
N GLY B 68 1.56 7.07 3.37
CA GLY B 68 0.72 6.52 2.35
C GLY B 68 -0.57 7.33 2.31
N ALA B 69 -1.24 7.29 1.20
CA ALA B 69 -2.53 8.03 0.96
C ALA B 69 -3.59 7.40 1.89
N SER B 70 -4.53 8.13 2.45
CA SER B 70 -5.61 7.57 3.25
C SER B 70 -6.85 8.20 2.67
N GLU B 71 -7.94 8.12 3.42
CA GLU B 71 -9.20 8.79 3.06
C GLU B 71 -9.22 10.26 3.32
N ARG B 72 -8.23 10.79 4.03
CA ARG B 72 -8.10 12.17 4.39
C ARG B 72 -7.06 12.83 3.45
N LEU B 73 -7.45 13.93 2.82
CA LEU B 73 -6.62 14.63 1.87
C LEU B 73 -5.41 15.23 2.60
N VAL B 74 -4.25 14.72 2.25
CA VAL B 74 -2.94 15.35 2.57
C VAL B 74 -2.33 15.57 1.20
N ALA B 75 -1.97 16.82 0.90
CA ALA B 75 -1.55 17.13 -0.46
C ALA B 75 -0.66 18.39 -0.42
N LEU B 76 0.08 18.57 -1.49
CA LEU B 76 0.89 19.80 -1.71
C LEU B 76 0.29 20.43 -2.89
N LEU B 77 0.02 21.72 -2.80
CA LEU B 77 -0.47 22.51 -3.89
C LEU B 77 0.72 23.49 -4.27
N LEU B 78 1.18 23.38 -5.50
CA LEU B 78 2.27 24.24 -5.99
C LEU B 78 1.64 25.15 -7.00
N THR B 79 1.91 26.43 -6.85
CA THR B 79 1.52 27.43 -7.82
C THR B 79 2.82 28.08 -8.39
N THR B 80 2.60 28.90 -9.37
CA THR B 80 3.73 29.58 -10.09
C THR B 80 4.63 30.38 -9.12
N GLU B 81 4.14 30.93 -8.00
CA GLU B 81 5.04 31.51 -6.92
C GLU B 81 4.75 31.35 -5.36
N GLY B 82 5.73 31.68 -4.53
CA GLY B 82 5.61 31.58 -3.05
C GLY B 82 5.82 30.16 -2.48
N ASP B 83 5.85 30.04 -1.17
CA ASP B 83 5.95 28.68 -0.63
C ASP B 83 4.68 27.75 -1.17
N PRO B 84 5.00 26.55 -1.49
CA PRO B 84 3.86 25.62 -1.72
C PRO B 84 2.93 25.50 -0.49
N VAL B 85 1.70 25.11 -0.70
CA VAL B 85 0.74 24.99 0.35
C VAL B 85 0.59 23.53 0.62
N LEU B 86 0.56 23.15 1.90
CA LEU B 86 0.48 21.79 2.30
C LEU B 86 -0.87 21.66 3.01
N ILE B 87 -1.79 21.01 2.34
CA ILE B 87 -3.13 20.80 2.85
C ILE B 87 -3.09 19.52 3.78
N CYS B 88 -3.52 19.62 5.04
CA CYS B 88 -3.31 18.51 6.01
C CYS B 88 -4.41 18.55 7.09
N PRO B 89 -4.79 17.39 7.63
CA PRO B 89 -5.70 17.41 8.79
C PRO B 89 -5.04 18.14 9.93
N ALA B 90 -5.80 18.98 10.61
CA ALA B 90 -5.23 19.78 11.72
C ALA B 90 -4.63 18.89 12.81
N PHE B 91 -5.30 17.78 13.14
CA PHE B 91 -4.72 16.95 14.24
C PHE B 91 -3.33 16.29 13.98
N GLU B 92 -2.92 16.19 12.71
N GLU B 92 -2.91 16.30 12.72
CA GLU B 92 -1.66 15.52 12.29
CA GLU B 92 -1.72 15.66 12.23
C GLU B 92 -0.54 16.57 12.08
C GLU B 92 -0.54 16.57 12.11
N GLU B 93 -0.76 17.82 12.46
CA GLU B 93 0.19 18.89 12.23
C GLU B 93 1.56 18.55 12.89
N GLY B 94 1.54 18.09 14.15
CA GLY B 94 2.80 17.75 14.86
C GLY B 94 3.53 16.66 14.09
N SER B 95 2.79 15.64 13.62
CA SER B 95 3.38 14.45 12.96
C SER B 95 3.91 14.93 11.59
N LEU B 96 3.20 15.86 10.94
CA LEU B 96 3.66 16.46 9.70
C LEU B 96 4.99 17.23 9.82
N ASP B 97 5.05 18.07 10.81
CA ASP B 97 6.24 18.86 11.11
C ASP B 97 7.44 17.92 11.30
N ALA B 98 7.29 16.74 11.82
CA ALA B 98 8.49 15.89 12.11
C ALA B 98 9.07 15.27 10.85
N VAL B 99 8.33 15.28 9.72
CA VAL B 99 8.81 14.63 8.48
C VAL B 99 8.98 15.60 7.29
N LEU B 100 8.43 16.81 7.37
CA LEU B 100 8.52 17.77 6.29
C LEU B 100 9.96 18.13 6.06
N GLN B 101 10.41 18.14 4.82
CA GLN B 101 11.82 18.59 4.45
C GLN B 101 11.86 19.91 3.59
N LEU B 102 10.70 20.45 3.26
CA LEU B 102 10.56 21.62 2.42
C LEU B 102 9.70 22.62 3.26
N PRO B 103 9.99 23.90 3.20
CA PRO B 103 9.20 24.88 3.84
C PRO B 103 7.93 25.01 3.01
N VAL B 104 6.79 25.07 3.71
CA VAL B 104 5.49 25.10 3.12
C VAL B 104 4.62 26.02 3.94
N ARG B 105 3.56 26.52 3.34
CA ARG B 105 2.48 27.19 4.00
C ARG B 105 1.42 26.14 4.36
N LYS B 106 1.29 25.80 5.65
CA LYS B 106 0.30 24.80 6.06
C LYS B 106 -1.10 25.36 5.93
N ARG B 107 -2.05 24.57 5.43
CA ARG B 107 -3.43 24.91 5.48
C ARG B 107 -4.13 23.71 6.09
N LEU B 108 -4.59 23.88 7.32
CA LEU B 108 -5.03 22.75 8.11
C LEU B 108 -6.51 22.72 8.08
N TRP B 109 -7.08 21.52 8.08
CA TRP B 109 -8.53 21.42 8.13
C TRP B 109 -8.98 20.48 9.24
N GLU B 110 -10.05 20.88 9.91
CA GLU B 110 -10.68 20.09 10.93
C GLU B 110 -11.57 19.06 10.30
N GLU B 111 -11.93 18.05 11.07
CA GLU B 111 -12.51 16.80 10.57
C GLU B 111 -13.79 16.95 9.72
N HIS B 112 -14.59 17.97 10.05
CA HIS B 112 -15.88 18.21 9.41
C HIS B 112 -15.76 19.21 8.30
N GLU B 113 -14.61 19.85 8.11
CA GLU B 113 -14.40 20.91 7.10
C GLU B 113 -14.01 20.24 5.75
N ASP B 114 -14.15 20.98 4.69
CA ASP B 114 -14.04 20.44 3.34
C ASP B 114 -12.57 20.82 2.91
N PRO B 115 -11.70 19.85 2.85
CA PRO B 115 -10.32 20.24 2.42
C PRO B 115 -10.18 20.69 0.97
N TYR B 116 -11.08 20.25 0.11
CA TYR B 116 -11.05 20.68 -1.31
C TYR B 116 -11.31 22.18 -1.42
N ALA B 117 -12.19 22.70 -0.54
CA ALA B 117 -12.33 24.11 -0.38
C ALA B 117 -11.04 24.87 -0.13
N LEU B 118 -10.12 24.34 0.67
CA LEU B 118 -8.88 24.96 0.96
C LEU B 118 -8.01 24.96 -0.25
N VAL B 119 -8.00 23.86 -1.04
CA VAL B 119 -7.23 23.89 -2.25
C VAL B 119 -7.65 25.03 -3.18
N VAL B 120 -8.94 25.18 -3.38
CA VAL B 120 -9.48 26.14 -4.31
C VAL B 120 -9.31 27.56 -3.82
N GLN B 121 -9.52 27.76 -2.53
CA GLN B 121 -9.15 29.02 -1.92
C GLN B 121 -7.72 29.37 -2.07
N ALA B 122 -6.76 28.44 -1.93
CA ALA B 122 -5.36 28.80 -2.20
C ALA B 122 -5.12 29.09 -3.70
N MET B 123 -5.76 28.32 -4.58
CA MET B 123 -5.81 28.69 -6.01
C MET B 123 -6.33 30.12 -6.25
N ASP B 124 -7.53 30.42 -5.72
CA ASP B 124 -8.20 31.75 -5.92
C ASP B 124 -7.24 32.94 -5.46
N GLU B 125 -6.56 32.77 -4.33
CA GLU B 125 -5.58 33.71 -3.83
C GLU B 125 -4.46 33.99 -4.75
N GLN B 126 -3.99 32.99 -5.49
CA GLN B 126 -2.85 33.24 -6.38
C GLN B 126 -3.32 33.46 -7.81
N HIS B 127 -4.63 33.60 -8.00
CA HIS B 127 -5.27 33.73 -9.34
C HIS B 127 -4.96 32.60 -10.24
N ALA B 128 -4.92 31.38 -9.73
CA ALA B 128 -4.58 30.19 -10.51
C ALA B 128 -5.90 29.48 -10.86
N HIS B 129 -6.08 29.14 -12.12
CA HIS B 129 -7.34 28.61 -12.64
C HIS B 129 -7.05 27.35 -13.51
N ALA B 130 -5.78 27.01 -13.77
CA ALA B 130 -5.43 25.91 -14.67
C ALA B 130 -4.75 24.84 -13.83
N LEU B 131 -5.53 24.01 -13.22
CA LEU B 131 -4.99 23.03 -12.26
C LEU B 131 -4.56 21.73 -13.00
N ALA B 132 -3.45 21.15 -12.54
CA ALA B 132 -3.09 19.76 -12.97
C ALA B 132 -3.08 18.88 -11.74
N LEU B 133 -3.71 17.72 -11.84
CA LEU B 133 -3.89 16.82 -10.71
C LEU B 133 -3.04 15.55 -10.85
N ASP B 134 -2.40 15.20 -9.78
CA ASP B 134 -1.61 13.97 -9.71
C ASP B 134 -2.40 12.78 -10.23
N PRO B 135 -1.89 12.06 -11.29
CA PRO B 135 -2.65 10.89 -11.79
C PRO B 135 -2.61 9.71 -10.89
N GLY B 136 -1.71 9.67 -9.91
CA GLY B 136 -1.80 8.62 -8.94
C GLY B 136 -2.76 8.81 -7.79
N ILE B 137 -3.42 9.99 -7.65
CA ILE B 137 -4.26 10.28 -6.51
C ILE B 137 -5.63 9.62 -6.74
N ALA B 138 -6.33 9.34 -5.67
CA ALA B 138 -7.62 8.68 -5.81
C ALA B 138 -8.60 9.61 -6.60
N PHE B 139 -9.47 9.00 -7.43
CA PHE B 139 -10.46 9.72 -8.20
C PHE B 139 -11.38 10.57 -7.31
N ALA B 140 -11.55 10.16 -6.10
CA ALA B 140 -12.29 10.93 -5.09
C ALA B 140 -11.81 12.36 -5.03
N VAL B 141 -10.53 12.57 -5.21
CA VAL B 141 -10.01 13.94 -5.16
C VAL B 141 -10.51 14.80 -6.35
N HIS B 142 -10.57 14.19 -7.56
CA HIS B 142 -11.26 14.78 -8.73
C HIS B 142 -12.70 15.18 -8.32
N THR B 143 -13.40 14.25 -7.64
CA THR B 143 -14.73 14.53 -7.22
C THR B 143 -14.83 15.76 -6.29
N GLY B 144 -13.96 15.84 -5.30
CA GLY B 144 -14.04 16.94 -4.35
C GLY B 144 -13.57 18.25 -4.96
N LEU B 145 -12.57 18.20 -5.86
CA LEU B 145 -12.20 19.39 -6.56
C LEU B 145 -13.28 19.95 -7.56
N ARG B 146 -13.80 19.04 -8.37
CA ARG B 146 -14.84 19.37 -9.36
C ARG B 146 -16.01 20.00 -8.67
N ALA B 147 -16.36 19.54 -7.42
CA ALA B 147 -17.43 20.19 -6.64
C ALA B 147 -17.28 21.74 -6.53
N HIS B 148 -16.03 22.22 -6.51
CA HIS B 148 -15.68 23.61 -6.34
C HIS B 148 -15.18 24.30 -7.56
N LEU B 149 -14.98 23.60 -8.66
CA LEU B 149 -14.29 24.19 -9.83
C LEU B 149 -15.09 24.06 -11.07
N GLY B 150 -15.06 25.08 -11.88
CA GLY B 150 -15.70 25.07 -13.16
C GLY B 150 -14.76 24.74 -14.31
N THR B 151 -13.48 24.78 -14.02
CA THR B 151 -12.41 24.77 -15.07
C THR B 151 -11.81 23.36 -15.16
N ALA B 152 -11.11 23.07 -16.27
CA ALA B 152 -10.57 21.83 -16.56
C ALA B 152 -9.61 21.39 -15.41
N ILE B 153 -9.64 20.13 -15.06
CA ILE B 153 -8.68 19.54 -14.15
C ILE B 153 -7.78 18.58 -15.01
N ARG B 154 -6.52 18.98 -15.27
CA ARG B 154 -5.68 18.27 -16.28
C ARG B 154 -4.90 17.20 -15.54
N ASP B 155 -4.35 16.27 -16.28
CA ASP B 155 -3.59 15.19 -15.71
C ASP B 155 -2.08 15.71 -15.52
N ALA B 156 -1.53 15.53 -14.33
CA ALA B 156 -0.22 16.05 -14.00
C ALA B 156 0.90 15.04 -14.32
N GLY B 157 0.63 13.98 -15.04
CA GLY B 157 1.64 12.90 -15.26
C GLY B 157 2.92 13.40 -15.99
N ALA B 158 2.75 14.29 -16.97
CA ALA B 158 3.90 14.88 -17.69
C ALA B 158 4.80 15.70 -16.85
N ILE B 159 4.19 16.51 -15.96
CA ILE B 159 4.93 17.27 -15.03
C ILE B 159 5.64 16.36 -14.01
N ILE B 160 4.91 15.41 -13.48
CA ILE B 160 5.52 14.59 -12.41
C ILE B 160 6.67 13.69 -12.97
N ASP B 161 6.39 13.05 -14.06
CA ASP B 161 7.34 12.23 -14.79
C ASP B 161 8.51 13.11 -15.26
N GLY B 162 8.24 14.30 -15.74
CA GLY B 162 9.32 15.15 -16.31
C GLY B 162 10.32 15.41 -15.16
N CYS B 163 9.82 15.47 -13.92
CA CYS B 163 10.75 15.56 -12.78
C CYS B 163 11.38 14.25 -12.39
N ARG B 164 10.58 13.25 -12.10
CA ARG B 164 11.02 11.99 -11.43
C ARG B 164 11.82 11.04 -12.32
N MET B 165 11.64 11.09 -13.66
CA MET B 165 12.24 10.03 -14.43
C MET B 165 13.70 10.07 -14.38
N CYS B 166 14.30 11.23 -14.44
CA CYS B 166 15.75 11.36 -14.45
C CYS B 166 16.25 11.58 -13.06
N LYS B 167 17.08 10.68 -12.51
CA LYS B 167 17.49 10.71 -11.13
C LYS B 167 18.75 11.61 -10.95
N SER B 168 18.80 12.30 -9.81
CA SER B 168 19.98 13.16 -9.50
C SER B 168 21.12 12.21 -9.10
N PRO B 169 22.32 12.73 -8.93
CA PRO B 169 23.35 11.89 -8.33
C PRO B 169 23.01 11.31 -6.95
N ALA B 170 22.48 12.12 -6.07
CA ALA B 170 22.06 11.65 -4.78
C ALA B 170 21.00 10.58 -4.82
N GLU B 171 20.05 10.72 -5.71
CA GLU B 171 19.04 9.62 -5.85
C GLU B 171 19.68 8.31 -6.38
N LEU B 172 20.53 8.43 -7.41
CA LEU B 172 21.26 7.25 -7.91
C LEU B 172 22.11 6.61 -6.82
N ALA B 173 22.77 7.40 -5.95
CA ALA B 173 23.56 6.82 -4.84
C ALA B 173 22.64 6.07 -3.83
N LEU B 174 21.48 6.61 -3.48
CA LEU B 174 20.57 5.90 -2.57
C LEU B 174 20.05 4.54 -3.18
N MET B 175 19.71 4.60 -4.45
CA MET B 175 19.29 3.39 -5.19
C MET B 175 20.46 2.39 -5.24
N GLN B 176 21.67 2.93 -5.48
CA GLN B 176 22.82 2.11 -5.47
C GLN B 176 23.05 1.40 -4.18
N GLN B 177 22.87 2.10 -3.05
CA GLN B 177 23.09 1.45 -1.79
C GLN B 177 22.05 0.35 -1.58
N ALA B 178 20.78 0.66 -1.85
CA ALA B 178 19.73 -0.37 -1.74
C ALA B 178 20.01 -1.61 -2.63
N CYS B 179 20.54 -1.37 -3.83
CA CYS B 179 20.85 -2.47 -4.72
C CYS B 179 22.01 -3.29 -4.22
N ASP B 180 23.03 -2.62 -3.70
CA ASP B 180 24.18 -3.31 -3.24
C ASP B 180 23.80 -4.17 -2.05
N MET B 181 22.96 -3.63 -1.13
CA MET B 181 22.47 -4.40 0.00
C MET B 181 21.63 -5.61 -0.38
N THR B 182 20.70 -5.40 -1.29
CA THR B 182 19.91 -6.50 -1.73
C THR B 182 20.71 -7.62 -2.56
N LEU B 183 21.70 -7.23 -3.33
CA LEU B 183 22.53 -8.19 -4.05
C LEU B 183 23.22 -9.15 -3.02
N LEU B 184 23.73 -8.58 -1.93
CA LEU B 184 24.38 -9.37 -0.88
C LEU B 184 23.38 -10.33 -0.27
N VAL B 185 22.20 -9.81 0.00
CA VAL B 185 21.13 -10.65 0.57
C VAL B 185 20.78 -11.82 -0.32
N GLN B 186 20.59 -11.51 -1.60
CA GLN B 186 20.47 -12.56 -2.67
C GLN B 186 21.56 -13.64 -2.63
N ARG B 187 22.79 -13.22 -2.48
CA ARG B 187 23.88 -14.13 -2.53
C ARG B 187 23.90 -15.02 -1.26
N LEU B 188 23.65 -14.44 -0.12
CA LEU B 188 23.58 -15.15 1.14
C LEU B 188 22.38 -16.17 1.09
N ALA B 189 21.27 -15.77 0.49
CA ALA B 189 20.12 -16.68 0.41
C ALA B 189 20.45 -17.89 -0.46
N ALA B 190 21.23 -17.64 -1.51
CA ALA B 190 21.70 -18.70 -2.40
C ALA B 190 22.58 -19.62 -1.61
N GLY B 191 23.43 -19.02 -0.79
CA GLY B 191 24.43 -19.78 -0.02
C GLY B 191 23.81 -20.71 0.97
N ILE B 192 22.76 -20.27 1.67
CA ILE B 192 22.07 -21.06 2.73
C ILE B 192 21.05 -22.06 2.22
N ALA B 193 20.71 -21.93 0.94
CA ALA B 193 19.75 -22.86 0.37
C ALA B 193 20.22 -24.38 0.57
N HIS B 194 19.29 -25.28 0.75
CA HIS B 194 19.61 -26.72 0.97
C HIS B 194 18.33 -27.49 0.66
N GLU B 195 18.51 -28.77 0.30
CA GLU B 195 17.39 -29.70 0.17
C GLU B 195 16.48 -29.57 1.30
N GLY B 196 15.18 -29.55 1.03
CA GLY B 196 14.17 -29.32 2.13
C GLY B 196 13.84 -27.93 2.62
N ILE B 197 14.69 -26.92 2.35
CA ILE B 197 14.42 -25.56 2.88
C ILE B 197 13.09 -25.06 2.36
N GLY B 198 12.39 -24.31 3.20
CA GLY B 198 11.04 -23.80 2.91
C GLY B 198 11.18 -22.44 2.16
N THR B 199 10.24 -22.16 1.26
CA THR B 199 10.10 -20.81 0.68
C THR B 199 9.92 -19.79 1.82
N ASP B 200 9.18 -20.17 2.88
CA ASP B 200 8.94 -19.25 3.98
C ASP B 200 10.19 -18.98 4.78
N GLN B 201 11.05 -19.98 4.89
CA GLN B 201 12.34 -19.77 5.59
C GLN B 201 13.29 -18.83 4.81
N LEU B 202 13.35 -19.01 3.47
CA LEU B 202 14.06 -18.05 2.64
C LEU B 202 13.47 -16.66 2.82
N VAL B 203 12.17 -16.49 2.69
CA VAL B 203 11.57 -15.16 2.92
C VAL B 203 11.99 -14.55 4.26
N ARG B 204 11.93 -15.36 5.31
CA ARG B 204 12.22 -14.87 6.62
C ARG B 204 13.71 -14.43 6.68
N PHE B 205 14.58 -15.23 6.13
CA PHE B 205 16.00 -14.93 6.19
C PHE B 205 16.28 -13.64 5.38
N ILE B 206 15.58 -13.47 4.27
CA ILE B 206 15.84 -12.29 3.40
C ILE B 206 15.47 -10.94 4.10
N ASP B 207 14.36 -11.02 4.76
CA ASP B 207 13.93 -9.93 5.71
C ASP B 207 14.89 -9.59 6.82
N GLU B 208 15.26 -10.61 7.62
CA GLU B 208 16.25 -10.47 8.70
C GLU B 208 17.53 -9.81 8.12
N ALA B 209 17.98 -10.24 6.92
CA ALA B 209 19.24 -9.74 6.42
C ALA B 209 19.14 -8.27 5.99
N HIS B 210 18.07 -7.95 5.27
CA HIS B 210 17.80 -6.58 4.83
C HIS B 210 17.76 -5.74 6.12
N ARG B 211 17.06 -6.18 7.14
CA ARG B 211 17.06 -5.40 8.50
C ARG B 211 18.45 -5.23 9.13
N ALA B 212 19.19 -6.35 9.16
CA ALA B 212 20.53 -6.33 9.72
C ALA B 212 21.39 -5.37 8.95
N LEU B 213 21.26 -5.30 7.63
CA LEU B 213 22.17 -4.41 6.89
C LEU B 213 21.81 -2.97 6.94
N GLY B 214 20.59 -2.67 7.41
CA GLY B 214 20.13 -1.27 7.60
C GLY B 214 19.21 -0.73 6.47
N ALA B 215 18.40 -1.60 5.84
CA ALA B 215 17.27 -1.17 5.02
C ALA B 215 16.32 -0.30 5.87
N ASP B 216 15.49 0.52 5.21
CA ASP B 216 14.47 1.32 5.90
C ASP B 216 13.59 0.39 6.74
N ASN B 217 13.12 -0.67 6.13
CA ASN B 217 12.16 -1.57 6.80
C ASN B 217 12.18 -3.00 6.24
N GLY B 218 13.29 -3.66 6.47
CA GLY B 218 13.49 -5.04 6.05
C GLY B 218 13.27 -5.19 4.53
N SER B 219 12.56 -6.23 4.13
CA SER B 219 12.33 -6.50 2.74
C SER B 219 11.10 -5.67 2.38
N THR B 220 11.14 -4.98 1.22
CA THR B 220 9.93 -4.34 0.69
C THR B 220 8.95 -5.36 0.25
N PHE B 221 9.42 -6.48 -0.31
CA PHE B 221 8.58 -7.51 -0.86
C PHE B 221 9.61 -8.70 -1.01
N CYS B 222 9.07 -9.92 -1.14
CA CYS B 222 9.93 -11.08 -1.43
C CYS B 222 9.10 -12.14 -2.07
N ILE B 223 9.45 -12.57 -3.28
CA ILE B 223 8.83 -13.71 -4.02
C ILE B 223 9.92 -14.77 -4.07
N VAL B 224 9.59 -15.99 -3.64
CA VAL B 224 10.53 -17.13 -3.74
C VAL B 224 9.67 -18.26 -4.30
N GLN B 225 10.12 -18.85 -5.35
CA GLN B 225 9.40 -19.87 -6.10
C GLN B 225 10.37 -20.97 -6.50
N PHE B 226 9.91 -22.23 -6.43
CA PHE B 226 10.77 -23.39 -6.75
C PHE B 226 10.12 -24.14 -7.88
N GLY B 227 10.94 -24.75 -8.78
CA GLY B 227 10.44 -25.80 -9.67
C GLY B 227 9.35 -25.24 -10.58
N HIS B 228 8.23 -26.02 -10.74
CA HIS B 228 7.13 -25.62 -11.61
C HIS B 228 6.55 -24.27 -11.26
N ALA B 229 6.59 -23.86 -9.98
CA ALA B 229 6.03 -22.61 -9.57
C ALA B 229 6.66 -21.36 -10.31
N THR B 230 7.90 -21.53 -10.78
CA THR B 230 8.62 -20.45 -11.48
C THR B 230 7.94 -20.12 -12.84
N ALA B 231 7.03 -20.98 -13.30
CA ALA B 231 6.29 -20.78 -14.55
C ALA B 231 5.01 -20.00 -14.36
N PHE B 232 4.77 -19.56 -13.12
CA PHE B 232 3.51 -18.96 -12.71
C PHE B 232 3.94 -17.72 -11.98
N PRO B 233 4.50 -16.75 -12.72
CA PRO B 233 5.07 -15.64 -11.99
C PRO B 233 4.10 -14.89 -11.04
N HIS B 234 2.79 -14.93 -11.26
CA HIS B 234 1.90 -14.22 -10.35
C HIS B 234 1.00 -15.22 -9.59
N GLY B 235 1.55 -16.40 -9.21
CA GLY B 235 0.85 -17.42 -8.39
C GLY B 235 0.53 -16.93 -6.99
N VAL B 239 3.45 -22.39 0.30
CA VAL B 239 4.79 -22.77 0.78
C VAL B 239 5.36 -23.98 0.06
N GLN B 240 6.63 -24.01 -0.34
CA GLN B 240 7.21 -25.13 -1.00
C GLN B 240 8.53 -25.49 -0.29
N HIS B 241 9.03 -26.68 -0.58
CA HIS B 241 10.29 -27.14 -0.02
C HIS B 241 11.25 -27.55 -1.15
N LEU B 242 12.52 -27.19 -1.06
CA LEU B 242 13.45 -27.35 -2.19
C LEU B 242 13.88 -28.78 -2.44
N ARG B 243 13.91 -29.11 -3.72
CA ARG B 243 14.36 -30.45 -4.19
C ARG B 243 15.44 -30.30 -5.27
N ALA B 244 16.39 -31.23 -5.25
CA ALA B 244 17.42 -31.28 -6.25
C ALA B 244 16.81 -31.30 -7.69
N GLY B 245 17.37 -30.55 -8.66
CA GLY B 245 16.80 -30.45 -9.99
C GLY B 245 15.82 -29.32 -10.18
N GLU B 246 15.46 -28.58 -9.13
CA GLU B 246 14.53 -27.40 -9.28
C GLU B 246 15.27 -26.07 -9.47
N LEU B 247 14.71 -25.19 -10.33
CA LEU B 247 15.10 -23.80 -10.42
C LEU B 247 14.54 -23.17 -9.18
N VAL B 248 15.31 -22.23 -8.67
CA VAL B 248 14.87 -21.30 -7.59
C VAL B 248 14.80 -19.86 -8.17
N LEU B 249 13.68 -19.18 -7.98
CA LEU B 249 13.52 -17.81 -8.45
C LEU B 249 13.21 -16.97 -7.18
N ILE B 250 14.06 -15.96 -6.98
CA ILE B 250 13.93 -15.05 -5.80
C ILE B 250 13.94 -13.63 -6.33
N ASP B 251 12.88 -12.88 -6.01
CA ASP B 251 12.75 -11.50 -6.41
C ASP B 251 12.50 -10.75 -5.14
N THR B 252 13.39 -9.83 -4.81
CA THR B 252 13.25 -9.06 -3.57
C THR B 252 13.95 -7.76 -3.68
N GLY B 253 13.70 -6.94 -2.68
CA GLY B 253 14.24 -5.64 -2.67
C GLY B 253 13.99 -4.96 -1.30
N CYS B 254 14.64 -3.83 -1.13
CA CYS B 254 14.49 -2.96 0.04
C CYS B 254 14.41 -1.50 -0.37
N THR B 255 14.23 -0.60 0.60
CA THR B 255 14.46 0.80 0.35
C THR B 255 15.53 1.43 1.23
N VAL B 256 16.20 2.42 0.72
CA VAL B 256 17.09 3.24 1.55
C VAL B 256 16.66 4.71 1.27
N GLN B 257 16.16 5.36 2.29
CA GLN B 257 15.52 6.64 2.16
C GLN B 257 14.40 6.61 1.14
N GLY B 258 13.67 5.51 1.11
CA GLY B 258 12.51 5.34 0.25
C GLY B 258 12.87 4.85 -1.22
N TYR B 259 14.16 4.92 -1.60
CA TYR B 259 14.66 4.47 -2.94
C TYR B 259 14.83 2.96 -3.01
N HIS B 260 14.27 2.37 -4.04
CA HIS B 260 14.10 0.97 -4.14
C HIS B 260 15.16 0.23 -4.85
N SER B 261 15.47 -0.95 -4.33
CA SER B 261 16.07 -2.03 -5.10
C SER B 261 14.98 -3.05 -5.48
N ASP B 262 15.27 -3.88 -6.49
CA ASP B 262 14.32 -4.76 -7.04
C ASP B 262 15.09 -5.74 -7.97
N ILE B 263 15.49 -6.89 -7.46
CA ILE B 263 16.44 -7.77 -8.15
C ILE B 263 15.85 -9.19 -8.15
N THR B 264 15.96 -9.88 -9.27
CA THR B 264 15.51 -11.22 -9.36
C THR B 264 16.75 -12.09 -9.81
N ARG B 265 16.94 -13.16 -9.13
CA ARG B 265 17.86 -14.14 -9.51
C ARG B 265 17.13 -15.48 -9.73
N THR B 266 17.61 -16.27 -10.70
CA THR B 266 17.04 -17.59 -10.92
C THR B 266 18.22 -18.55 -11.20
N TRP B 267 18.29 -19.58 -10.36
CA TRP B 267 19.39 -20.48 -10.34
C TRP B 267 18.92 -21.92 -10.03
N ILE B 268 19.80 -22.86 -10.45
CA ILE B 268 19.48 -24.25 -10.35
C ILE B 268 20.01 -24.72 -8.99
N TYR B 269 19.20 -25.48 -8.28
CA TYR B 269 19.70 -26.28 -7.13
C TYR B 269 19.84 -27.77 -7.60
N GLY B 270 21.09 -28.20 -7.80
CA GLY B 270 21.39 -29.49 -8.34
C GLY B 270 21.73 -29.36 -9.79
N THR B 271 21.50 -30.47 -10.51
CA THR B 271 21.82 -30.61 -11.86
C THR B 271 20.68 -30.12 -12.78
N PRO B 272 20.96 -29.17 -13.63
CA PRO B 272 19.84 -28.76 -14.50
C PRO B 272 19.59 -29.67 -15.75
N SER B 273 18.39 -29.68 -16.29
CA SER B 273 18.13 -30.32 -17.59
C SER B 273 18.68 -29.42 -18.76
N ASP B 274 18.72 -29.98 -19.97
CA ASP B 274 19.17 -29.26 -21.12
C ASP B 274 18.18 -28.11 -21.35
N ALA B 275 16.86 -28.37 -21.27
CA ALA B 275 15.86 -27.33 -21.45
C ALA B 275 16.05 -26.11 -20.49
N GLN B 276 16.28 -26.39 -19.22
CA GLN B 276 16.57 -25.36 -18.22
C GLN B 276 17.82 -24.58 -18.55
N GLN B 277 18.87 -25.26 -19.03
CA GLN B 277 20.12 -24.59 -19.37
C GLN B 277 19.93 -23.66 -20.53
N ARG B 278 19.27 -24.20 -21.57
CA ARG B 278 19.11 -23.49 -22.85
C ARG B 278 18.26 -22.19 -22.56
N ILE B 279 17.15 -22.33 -21.84
CA ILE B 279 16.28 -21.17 -21.52
C ILE B 279 17.05 -20.17 -20.61
N TRP B 280 17.75 -20.66 -19.59
CA TRP B 280 18.53 -19.78 -18.73
C TRP B 280 19.49 -18.92 -19.58
N GLU B 281 20.24 -19.59 -20.46
CA GLU B 281 21.19 -18.91 -21.28
C GLU B 281 20.52 -17.84 -22.17
N LEU B 282 19.35 -18.16 -22.68
CA LEU B 282 18.61 -17.27 -23.55
C LEU B 282 18.09 -16.07 -22.75
N GLU B 283 17.75 -16.30 -21.49
CA GLU B 283 17.31 -15.21 -20.61
C GLU B 283 18.41 -14.21 -20.41
N LEU B 284 19.62 -14.71 -20.21
CA LEU B 284 20.80 -13.84 -20.03
C LEU B 284 21.06 -13.06 -21.30
N ALA B 285 21.05 -13.77 -22.47
CA ALA B 285 21.23 -13.15 -23.74
C ALA B 285 20.14 -12.06 -24.00
N ALA B 286 18.87 -12.33 -23.72
CA ALA B 286 17.81 -11.34 -23.94
C ALA B 286 18.06 -10.12 -23.08
N GLN B 287 18.39 -10.40 -21.82
CA GLN B 287 18.68 -9.28 -20.87
C GLN B 287 19.90 -8.46 -21.42
N ALA B 288 20.93 -9.16 -21.92
CA ALA B 288 22.17 -8.48 -22.40
C ALA B 288 21.87 -7.61 -23.57
N ALA B 289 20.98 -8.06 -24.47
CA ALA B 289 20.70 -7.36 -25.70
C ALA B 289 19.81 -6.12 -25.37
N ALA B 290 18.82 -6.27 -24.48
CA ALA B 290 18.08 -5.05 -24.04
C ALA B 290 19.08 -4.02 -23.45
N PHE B 291 20.03 -4.44 -22.66
CA PHE B 291 21.00 -3.50 -22.10
C PHE B 291 21.88 -2.82 -23.15
N ALA B 292 22.33 -3.61 -24.13
CA ALA B 292 23.24 -3.11 -25.21
C ALA B 292 22.49 -2.11 -26.09
N ALA B 293 21.17 -2.15 -26.09
CA ALA B 293 20.33 -1.21 -26.81
C ALA B 293 20.20 0.15 -26.08
N VAL B 294 20.51 0.24 -24.82
CA VAL B 294 20.28 1.48 -24.02
C VAL B 294 21.29 2.54 -24.30
N ARG B 295 20.79 3.67 -24.73
CA ARG B 295 21.64 4.92 -24.76
C ARG B 295 20.70 6.07 -24.97
N PRO B 296 21.10 7.31 -24.70
CA PRO B 296 20.23 8.42 -24.90
C PRO B 296 19.62 8.49 -26.34
N GLY B 297 18.33 8.74 -26.38
CA GLY B 297 17.62 8.90 -27.63
C GLY B 297 16.89 7.61 -28.04
N VAL B 298 17.31 6.47 -27.51
CA VAL B 298 16.64 5.22 -27.88
C VAL B 298 15.22 5.19 -27.27
N ALA B 299 14.22 4.79 -28.06
CA ALA B 299 12.84 4.65 -27.57
C ALA B 299 12.76 3.51 -26.60
N CYS B 300 12.06 3.73 -25.51
CA CYS B 300 11.83 2.62 -24.60
C CYS B 300 11.35 1.32 -25.29
N GLU B 301 10.49 1.45 -26.28
CA GLU B 301 10.00 0.27 -26.98
C GLU B 301 11.06 -0.49 -27.78
N ALA B 302 12.18 0.20 -28.13
CA ALA B 302 13.25 -0.47 -28.84
C ALA B 302 14.00 -1.33 -27.91
N VAL B 303 14.08 -0.96 -26.63
CA VAL B 303 14.76 -1.81 -25.66
C VAL B 303 13.97 -3.17 -25.44
N ASP B 304 12.67 -3.06 -25.24
CA ASP B 304 11.78 -4.25 -25.22
C ASP B 304 11.94 -5.07 -26.50
N GLN B 305 11.98 -4.41 -27.67
CA GLN B 305 12.09 -5.22 -28.94
C GLN B 305 13.43 -5.92 -29.04
N ALA B 306 14.49 -5.29 -28.51
CA ALA B 306 15.81 -5.94 -28.57
C ALA B 306 15.83 -7.26 -27.78
N ALA B 307 15.17 -7.33 -26.66
CA ALA B 307 15.01 -8.60 -25.92
C ALA B 307 14.17 -9.57 -26.74
N ARG B 308 13.09 -9.09 -27.33
CA ARG B 308 12.20 -10.05 -28.06
C ARG B 308 12.89 -10.58 -29.38
N ALA B 309 13.79 -9.79 -29.98
CA ALA B 309 14.51 -10.22 -31.19
C ALA B 309 15.43 -11.38 -30.82
N VAL B 310 16.03 -11.35 -29.65
CA VAL B 310 16.85 -12.50 -29.13
C VAL B 310 15.99 -13.76 -29.02
N LEU B 311 14.83 -13.61 -28.34
CA LEU B 311 13.97 -14.75 -28.16
C LEU B 311 13.46 -15.31 -29.51
N GLN B 312 13.04 -14.42 -30.42
CA GLN B 312 12.57 -14.87 -31.73
C GLN B 312 13.62 -15.52 -32.54
N ALA B 313 14.87 -14.99 -32.53
CA ALA B 313 15.92 -15.56 -33.38
C ALA B 313 16.16 -16.99 -32.85
N ALA B 314 15.93 -17.23 -31.55
CA ALA B 314 16.10 -18.57 -31.00
C ALA B 314 14.89 -19.49 -31.18
N GLY B 315 13.80 -19.03 -31.77
CA GLY B 315 12.59 -19.87 -31.98
C GLY B 315 11.48 -19.74 -30.99
N LEU B 316 11.59 -18.78 -30.06
CA LEU B 316 10.55 -18.53 -29.09
C LEU B 316 9.60 -17.45 -29.61
N GLY B 317 8.48 -17.21 -28.90
CA GLY B 317 7.58 -16.08 -29.27
C GLY B 317 6.71 -16.52 -30.49
N PRO B 318 6.45 -15.65 -31.48
CA PRO B 318 6.95 -14.25 -31.49
C PRO B 318 6.04 -13.43 -30.51
N ASP B 319 6.30 -12.14 -30.46
CA ASP B 319 5.42 -11.19 -29.76
C ASP B 319 5.37 -11.61 -28.33
N TYR B 320 4.19 -11.85 -27.77
CA TYR B 320 4.08 -12.26 -26.37
C TYR B 320 3.73 -13.76 -26.20
N ARG B 321 3.75 -14.53 -27.31
CA ARG B 321 3.50 -15.97 -27.24
C ARG B 321 4.53 -16.79 -26.50
N LEU B 322 4.08 -17.89 -25.99
CA LEU B 322 4.85 -18.67 -25.06
C LEU B 322 5.13 -20.03 -25.68
N PRO B 323 6.28 -20.62 -25.39
CA PRO B 323 7.38 -20.11 -24.59
C PRO B 323 7.98 -18.83 -25.15
N GLY B 324 8.26 -17.90 -24.24
CA GLY B 324 8.61 -16.51 -24.63
C GLY B 324 8.36 -15.57 -23.42
N LEU B 325 8.20 -14.31 -23.73
CA LEU B 325 8.11 -13.20 -22.83
C LEU B 325 6.70 -12.62 -22.89
N PRO B 326 5.85 -12.95 -21.92
CA PRO B 326 4.41 -12.64 -22.10
C PRO B 326 4.04 -11.16 -21.74
N HIS B 327 5.03 -10.43 -21.18
CA HIS B 327 4.81 -9.05 -20.71
C HIS B 327 6.03 -8.18 -21.12
N ARG B 328 5.98 -6.91 -20.75
CA ARG B 328 7.02 -5.95 -21.08
C ARG B 328 8.35 -6.44 -20.59
N THR B 329 9.41 -5.79 -21.06
CA THR B 329 10.78 -6.05 -20.58
C THR B 329 11.18 -5.50 -19.24
N GLY B 330 10.65 -4.29 -18.88
CA GLY B 330 10.98 -3.73 -17.62
C GLY B 330 10.20 -2.45 -17.31
N HIS B 331 10.47 -1.93 -16.14
CA HIS B 331 9.76 -0.77 -15.65
C HIS B 331 10.72 0.24 -15.04
N GLY B 332 10.30 1.52 -15.06
CA GLY B 332 11.13 2.56 -14.31
C GLY B 332 11.07 2.23 -12.78
N CYS B 333 12.00 2.80 -12.03
CA CYS B 333 12.13 2.53 -10.62
C CYS B 333 12.75 3.74 -9.97
N GLY B 334 12.36 4.01 -8.71
CA GLY B 334 12.80 5.22 -8.01
C GLY B 334 12.17 5.23 -6.60
N LEU B 335 11.40 6.27 -6.27
CA LEU B 335 10.66 6.23 -5.05
C LEU B 335 9.48 5.22 -5.10
N ALA B 336 9.12 4.74 -6.30
CA ALA B 336 8.06 3.69 -6.47
C ALA B 336 8.77 2.46 -7.04
N ILE B 337 8.35 1.24 -6.68
CA ILE B 337 8.96 0.12 -7.37
C ILE B 337 8.76 0.23 -8.87
N HIS B 338 7.53 0.56 -9.25
CA HIS B 338 7.14 0.71 -10.69
C HIS B 338 6.77 2.15 -10.99
N GLU B 339 7.50 2.82 -11.89
CA GLU B 339 7.24 4.19 -12.31
C GLU B 339 7.80 4.38 -13.70
N ALA B 340 7.53 5.54 -14.31
CA ALA B 340 8.00 5.73 -15.68
C ALA B 340 9.56 5.79 -15.74
N PRO B 341 10.14 5.40 -16.85
CA PRO B 341 9.47 5.05 -18.09
C PRO B 341 9.40 3.55 -18.17
N TYR B 342 8.37 3.02 -18.87
CA TYR B 342 8.17 1.60 -19.02
C TYR B 342 8.82 1.08 -20.33
N LEU B 343 9.51 -0.03 -20.23
CA LEU B 343 10.23 -0.61 -21.40
C LEU B 343 9.24 -1.60 -22.03
N VAL B 344 8.34 -1.05 -22.85
CA VAL B 344 7.14 -1.76 -23.36
C VAL B 344 6.88 -1.32 -24.77
N ARG B 345 6.44 -2.24 -25.60
CA ARG B 345 6.06 -1.92 -26.96
C ARG B 345 4.98 -0.82 -26.94
N GLY B 346 5.09 0.06 -27.91
CA GLY B 346 4.27 1.25 -27.97
C GLY B 346 4.83 2.47 -27.25
N ASN B 347 5.85 2.35 -26.37
CA ASN B 347 6.31 3.49 -25.60
C ASN B 347 7.46 4.16 -26.41
N ARG B 348 7.17 5.29 -27.03
CA ARG B 348 8.12 6.06 -27.79
C ARG B 348 9.05 6.93 -26.99
N GLN B 349 8.80 7.07 -25.69
CA GLN B 349 9.57 7.89 -24.85
C GLN B 349 11.09 7.62 -25.09
N PRO B 350 11.88 8.69 -25.41
CA PRO B 350 13.31 8.41 -25.59
C PRO B 350 14.01 8.34 -24.25
N LEU B 351 14.93 7.41 -24.12
CA LEU B 351 15.65 7.34 -22.86
C LEU B 351 16.57 8.58 -22.79
N GLN B 352 16.77 9.09 -21.57
CA GLN B 352 17.74 10.15 -21.37
C GLN B 352 18.61 9.87 -20.16
N PRO B 353 19.81 10.51 -20.07
CA PRO B 353 20.63 10.40 -18.90
C PRO B 353 19.94 10.55 -17.55
N GLY B 354 20.19 9.60 -16.62
CA GLY B 354 19.71 9.63 -15.29
C GLY B 354 18.48 8.68 -15.14
N MET B 355 17.79 8.37 -16.24
CA MET B 355 16.62 7.47 -16.14
C MET B 355 17.02 6.10 -15.61
N CYS B 356 16.14 5.48 -14.82
CA CYS B 356 16.44 4.19 -14.14
C CYS B 356 15.38 3.23 -14.55
N ALA B 357 15.73 2.00 -14.90
CA ALA B 357 14.72 1.01 -15.17
C ALA B 357 15.24 -0.39 -14.95
N SER B 358 14.28 -1.33 -14.82
CA SER B 358 14.60 -2.72 -14.68
C SER B 358 14.83 -3.33 -16.03
N ASN B 359 15.53 -4.45 -16.06
CA ASN B 359 15.78 -5.19 -17.29
C ASN B 359 15.52 -6.62 -16.96
N GLU B 360 14.33 -7.06 -17.29
CA GLU B 360 13.84 -8.31 -16.83
C GLU B 360 12.94 -9.07 -17.74
N PRO B 361 13.49 -9.54 -18.88
CA PRO B 361 12.69 -10.10 -19.96
C PRO B 361 12.39 -11.57 -19.77
N MET B 362 11.72 -11.84 -18.66
CA MET B 362 11.47 -13.19 -18.18
C MET B 362 10.91 -14.14 -19.28
N ILE B 363 11.51 -15.31 -19.39
CA ILE B 363 10.97 -16.37 -20.16
C ILE B 363 10.09 -17.33 -19.38
N VAL B 364 8.84 -17.54 -19.89
CA VAL B 364 7.91 -18.56 -19.30
C VAL B 364 7.80 -19.73 -20.27
N VAL B 365 7.99 -20.96 -19.77
CA VAL B 365 7.75 -22.19 -20.53
C VAL B 365 6.56 -22.80 -19.83
N PRO B 366 5.39 -22.72 -20.45
CA PRO B 366 4.12 -23.02 -19.80
C PRO B 366 4.11 -24.40 -19.18
N GLY B 367 3.74 -24.44 -17.91
CA GLY B 367 3.58 -25.68 -17.22
C GLY B 367 4.90 -26.32 -16.88
N ALA B 368 6.04 -25.67 -17.12
CA ALA B 368 7.31 -26.32 -16.85
C ALA B 368 8.09 -25.52 -15.85
N PHE B 369 8.51 -24.32 -16.24
CA PHE B 369 9.35 -23.43 -15.41
C PHE B 369 9.47 -22.03 -16.07
N GLY B 370 10.05 -21.08 -15.33
CA GLY B 370 10.35 -19.79 -15.89
C GLY B 370 11.69 -19.35 -15.41
N VAL B 371 12.30 -18.43 -16.13
CA VAL B 371 13.58 -17.89 -15.75
C VAL B 371 13.50 -16.40 -15.85
N ARG B 372 13.56 -15.74 -14.69
CA ARG B 372 13.63 -14.31 -14.68
C ARG B 372 14.98 -13.89 -14.13
N LEU B 373 15.69 -13.06 -14.89
CA LEU B 373 16.91 -12.35 -14.43
C LEU B 373 16.58 -10.87 -14.45
N GLU B 374 16.68 -10.25 -13.27
CA GLU B 374 16.32 -8.84 -13.10
C GLU B 374 17.45 -8.05 -12.43
N ASP B 375 18.03 -7.10 -13.19
CA ASP B 375 18.97 -6.11 -12.67
C ASP B 375 18.51 -4.80 -13.30
N HIS B 376 18.75 -3.73 -12.57
CA HIS B 376 18.33 -2.43 -13.04
C HIS B 376 19.55 -1.67 -13.56
N PHE B 377 19.31 -0.61 -14.34
CA PHE B 377 20.40 0.19 -14.91
C PHE B 377 19.94 1.62 -14.85
N TYR B 378 20.89 2.53 -15.02
CA TYR B 378 20.58 3.86 -15.33
C TYR B 378 21.24 4.33 -16.60
N VAL B 379 20.65 5.34 -17.21
CA VAL B 379 21.11 5.76 -18.54
C VAL B 379 22.27 6.76 -18.31
N THR B 380 23.31 6.66 -19.09
CA THR B 380 24.42 7.61 -18.91
C THR B 380 24.48 8.46 -20.19
N ASP B 381 25.47 9.34 -20.29
CA ASP B 381 25.56 10.18 -21.45
C ASP B 381 25.81 9.36 -22.71
N THR B 382 26.41 8.20 -22.66
CA THR B 382 26.73 7.44 -23.88
C THR B 382 26.09 6.04 -23.98
N GLY B 383 25.50 5.59 -22.91
CA GLY B 383 24.93 4.25 -22.88
C GLY B 383 24.21 4.04 -21.54
N ALA B 384 24.65 3.06 -20.78
CA ALA B 384 23.94 2.61 -19.61
C ALA B 384 24.95 2.11 -18.61
N GLN B 385 24.55 2.06 -17.34
CA GLN B 385 25.33 1.46 -16.32
C GLN B 385 24.45 0.56 -15.42
N TRP B 386 24.86 -0.69 -15.24
CA TRP B 386 24.11 -1.60 -14.34
C TRP B 386 24.21 -1.11 -12.91
N PHE B 387 23.08 -1.13 -12.18
CA PHE B 387 23.19 -1.03 -10.72
C PHE B 387 23.82 -2.27 -10.12
N THR B 388 23.54 -3.42 -10.69
CA THR B 388 24.12 -4.66 -10.25
C THR B 388 24.52 -5.39 -11.53
N PRO B 389 25.70 -6.07 -11.46
CA PRO B 389 26.14 -6.82 -12.63
C PRO B 389 25.23 -8.05 -12.81
N PRO B 390 24.93 -8.41 -14.04
CA PRO B 390 24.15 -9.59 -14.27
C PRO B 390 24.79 -10.87 -13.84
N SER B 391 23.94 -11.89 -13.70
CA SER B 391 24.34 -13.21 -13.46
C SER B 391 25.28 -13.75 -14.54
N VAL B 392 26.04 -14.77 -14.15
CA VAL B 392 27.00 -15.42 -15.05
C VAL B 392 26.54 -16.72 -15.65
N ALA B 393 26.02 -17.61 -14.85
CA ALA B 393 25.59 -18.92 -15.35
C ALA B 393 24.45 -19.42 -14.48
N ILE B 394 23.76 -20.45 -14.97
CA ILE B 394 22.57 -21.08 -14.20
C ILE B 394 22.86 -21.49 -12.78
N ASP B 395 24.12 -21.84 -12.59
CA ASP B 395 24.67 -22.18 -11.28
C ASP B 395 25.71 -21.09 -10.76
N GLN B 396 25.84 -19.97 -11.47
CA GLN B 396 26.68 -18.89 -10.98
C GLN B 396 25.86 -17.59 -10.98
N PRO B 397 24.94 -17.47 -10.02
CA PRO B 397 24.03 -16.31 -10.04
C PRO B 397 24.67 -14.99 -9.80
N PHE B 398 25.89 -14.94 -9.25
CA PHE B 398 26.57 -13.68 -9.02
C PHE B 398 27.88 -13.47 -9.76
N ALA B 399 27.97 -12.32 -10.46
CA ALA B 399 29.17 -11.95 -11.16
C ALA B 399 30.27 -11.77 -10.12
N GLY C 1 -18.24 14.08 -15.65
CA GLY C 1 -17.42 14.53 -14.51
C GLY C 1 -16.20 13.70 -14.71
N GLY C 2 -15.45 14.02 -15.77
CA GLY C 2 -15.48 15.31 -16.49
C GLY C 2 -14.93 16.33 -15.59
N GLY C 3 -13.64 16.14 -15.52
CA GLY C 3 -12.78 17.15 -15.37
C GLY C 3 -11.48 17.03 -15.92
ZN ZN D . -9.09 2.77 13.72
ZN ZN E . -6.21 1.76 14.89
P PO4 F . -6.81 4.62 13.40
O1 PO4 F . -7.04 3.22 13.94
O2 PO4 F . -5.34 4.74 13.04
O3 PO4 F . -7.62 5.25 12.31
O4 PO4 F . -6.97 5.59 14.59
C1 GOL G . 1.15 0.09 -18.00
O1 GOL G . 0.13 -0.50 -18.79
C2 GOL G . 1.60 1.38 -18.73
O2 GOL G . 2.73 1.20 -19.65
C3 GOL G . 1.85 2.40 -17.67
O3 GOL G . 2.39 3.58 -18.29
C1 GOL H . -2.00 -6.49 -11.47
O1 GOL H . -2.02 -7.41 -10.37
C2 GOL H . -0.73 -6.82 -12.23
O2 GOL H . -1.00 -6.83 -13.64
C3 GOL H . 0.43 -5.91 -11.91
O3 GOL H . 0.48 -4.92 -12.90
C1 GOL I . 15.36 7.22 24.00
O1 GOL I . 15.92 5.90 24.03
C2 GOL I . 13.83 7.06 23.96
O2 GOL I . 13.76 5.69 24.23
C3 GOL I . 12.99 7.80 25.00
O3 GOL I . 12.11 8.84 24.49
ZN ZN J . 11.02 -5.24 -11.31
ZN ZN K . 11.40 -7.65 -9.17
P PO4 L . 8.76 -7.13 -11.09
O1 PO4 L . 8.92 -8.13 -12.20
O2 PO4 L . 7.97 -7.85 -10.03
O3 PO4 L . 8.01 -5.86 -11.55
O4 PO4 L . 10.09 -6.80 -10.55
C1 PEG M . -3.07 11.21 6.68
O1 PEG M . -2.15 10.19 7.00
C2 PEG M . -4.27 11.34 7.62
O2 PEG M . -4.55 10.13 8.26
C3 PEG M . -5.53 9.34 7.58
C4 PEG M . -5.49 7.86 8.10
O4 PEG M . -6.76 7.17 8.07
#